data_4PFA
#
_entry.id   4PFA
#
_cell.length_a   72.856
_cell.length_b   82.013
_cell.length_c   81.148
_cell.angle_alpha   90.00
_cell.angle_beta   100.77
_cell.angle_gamma   90.00
#
_symmetry.space_group_name_H-M   'P 1 21 1'
#
loop_
_entity.id
_entity.type
_entity.pdbx_description
1 polymer 'Probable decaprenylphosphoryl-beta-D-ribose oxidase'
2 non-polymer 'FLAVIN-ADENINE DINUCLEOTIDE'
3 non-polymer '7-(hydroxyamino)-N-(pyridin-3-ylmethyl)-5-(trifluoromethyl)-1,3-benzothiazole-2-carboxamide 3-oxide'
#
_entity_poly.entity_id   1
_entity_poly.type   'polypeptide(L)'
_entity_poly.pdbx_seq_one_letter_code
;GSSHHHHHHSSGLVPRGSHMLSVGATTTATRLTGWGRTAPSVANVLRTPDAEMIVKAVARVAESGGGRGAIARGLGRSYG
DNAQNGGGLVIDMTPLNTIHSIDADTKLVDIDAGVNLDQLMKAALPFGLWVPVLPGTRQVTVGGAIACDIHGKNHHSAGS
FGNHVRSMDLLTADGEIRHLTPTGEDAELFWATVGGNGLTGIIMRATIEMTPTSTAYFIADGDVTASLDETIALHSDGSE
ARYTYSSAWFDAISAPPKLGRAAVSRGRLATVEQLPAKLRSEPLKFDAPQLLTLPDVFPNGLANKYTFGPIGELWYRKSG
TYRGKVQNLTQFYHPLDMFGEWNRAYGPAGFLQYQFVIPTEAVDEFKKIIGVIQASGHYSFLNVFKLFGPRNQAPLSFPI
PGWNICVDFPIKDGLGKFVSELDRRVLEFGGRLYTAKDSRTTAETFHAMYPRVDEWISVRRKVDPLRVFASDMARRLELL
;
_entity_poly.pdbx_strand_id   A,B
#
# COMPACT_ATOMS: atom_id res chain seq x y z
N THR A 27 -3.71 -21.94 -24.03
CA THR A 27 -5.20 -21.90 -24.08
C THR A 27 -5.81 -23.22 -23.59
N THR A 28 -6.91 -23.11 -22.84
CA THR A 28 -7.64 -24.28 -22.35
C THR A 28 -9.14 -24.08 -22.57
N ALA A 29 -9.77 -25.09 -23.16
CA ALA A 29 -11.22 -25.08 -23.35
C ALA A 29 -11.93 -25.31 -22.02
N THR A 30 -12.56 -24.25 -21.51
CA THR A 30 -13.21 -24.29 -20.21
C THR A 30 -14.71 -24.04 -20.34
N ARG A 31 -15.49 -24.69 -19.47
CA ARG A 31 -16.91 -24.43 -19.35
C ARG A 31 -17.12 -23.33 -18.31
N LEU A 32 -17.12 -22.08 -18.77
CA LEU A 32 -17.25 -20.93 -17.86
C LEU A 32 -18.65 -20.31 -17.82
N THR A 33 -18.86 -19.44 -16.84
CA THR A 33 -20.19 -18.95 -16.48
C THR A 33 -20.11 -17.55 -15.88
N GLY A 34 -21.23 -16.83 -15.88
CA GLY A 34 -21.39 -15.64 -15.07
C GLY A 34 -21.49 -16.03 -13.60
N TRP A 35 -21.76 -15.06 -12.74
CA TRP A 35 -21.86 -15.32 -11.29
C TRP A 35 -23.11 -16.10 -10.95
N GLY A 36 -24.12 -16.00 -11.81
CA GLY A 36 -25.42 -16.63 -11.58
C GLY A 36 -25.46 -18.15 -11.72
N ARG A 37 -24.32 -18.76 -12.09
CA ARG A 37 -24.21 -20.21 -12.29
C ARG A 37 -25.02 -20.66 -13.53
N THR A 38 -25.57 -19.68 -14.24
CA THR A 38 -26.49 -19.91 -15.35
C THR A 38 -25.84 -20.01 -16.72
N ALA A 39 -26.62 -20.43 -17.72
CA ALA A 39 -26.27 -20.36 -19.15
C ALA A 39 -24.80 -20.70 -19.47
N PRO A 40 -24.38 -21.95 -19.17
CA PRO A 40 -23.02 -22.42 -19.47
C PRO A 40 -22.64 -22.26 -20.94
N SER A 41 -21.41 -21.80 -21.17
CA SER A 41 -20.84 -21.68 -22.51
C SER A 41 -19.41 -22.17 -22.46
N VAL A 42 -18.98 -22.90 -23.49
CA VAL A 42 -17.62 -23.45 -23.54
C VAL A 42 -16.75 -22.64 -24.49
N ALA A 43 -15.64 -22.12 -23.95
CA ALA A 43 -14.73 -21.27 -24.71
C ALA A 43 -13.27 -21.53 -24.36
N ASN A 44 -12.38 -21.28 -25.32
CA ASN A 44 -10.94 -21.40 -25.11
C ASN A 44 -10.43 -20.19 -24.33
N VAL A 45 -9.92 -20.43 -23.12
CA VAL A 45 -9.50 -19.34 -22.24
C VAL A 45 -7.99 -19.15 -22.25
N LEU A 46 -7.56 -17.89 -22.32
CA LEU A 46 -6.14 -17.55 -22.31
C LEU A 46 -5.74 -16.93 -20.98
N ARG A 47 -4.80 -17.58 -20.29
CA ARG A 47 -4.22 -17.03 -19.07
C ARG A 47 -2.73 -16.76 -19.27
N THR A 48 -2.40 -15.49 -19.49
CA THR A 48 -1.00 -15.06 -19.62
C THR A 48 -0.80 -13.66 -19.05
N PRO A 49 0.32 -13.45 -18.32
CA PRO A 49 0.67 -12.11 -17.86
C PRO A 49 1.45 -11.29 -18.89
N ASP A 50 1.85 -11.94 -19.98
CA ASP A 50 2.55 -11.25 -21.07
C ASP A 50 1.54 -10.50 -21.93
N ALA A 51 1.57 -9.17 -21.81
CA ALA A 51 0.67 -8.29 -22.55
C ALA A 51 0.87 -8.42 -24.05
N GLU A 52 2.12 -8.57 -24.46
CA GLU A 52 2.49 -8.71 -25.87
C GLU A 52 1.95 -10.02 -26.44
N MET A 53 1.91 -11.06 -25.61
CA MET A 53 1.32 -12.34 -25.96
C MET A 53 -0.18 -12.17 -26.22
N ILE A 54 -0.85 -11.39 -25.37
CA ILE A 54 -2.27 -11.08 -25.52
C ILE A 54 -2.59 -10.48 -26.89
N VAL A 55 -1.76 -9.54 -27.34
CA VAL A 55 -1.93 -8.90 -28.65
C VAL A 55 -1.89 -9.92 -29.78
N LYS A 56 -0.96 -10.88 -29.68
CA LYS A 56 -0.78 -11.90 -30.71
C LYS A 56 -2.03 -12.71 -31.00
N ALA A 57 -2.73 -13.13 -29.94
CA ALA A 57 -3.96 -13.92 -30.08
C ALA A 57 -5.09 -13.10 -30.68
N VAL A 58 -5.25 -11.86 -30.21
CA VAL A 58 -6.24 -10.93 -30.76
C VAL A 58 -5.95 -10.68 -32.24
N ALA A 59 -4.71 -10.30 -32.55
CA ALA A 59 -4.26 -10.11 -33.93
C ALA A 59 -4.36 -11.41 -34.74
N ARG A 60 -4.27 -12.55 -34.07
CA ARG A 60 -4.46 -13.86 -34.70
C ARG A 60 -5.92 -14.11 -35.07
N VAL A 61 -6.84 -13.65 -34.22
CA VAL A 61 -8.28 -13.82 -34.46
C VAL A 61 -8.74 -13.03 -35.70
N ALA A 62 -8.17 -11.85 -35.90
CA ALA A 62 -8.44 -11.05 -37.09
C ALA A 62 -7.86 -11.69 -38.35
N GLU A 63 -6.79 -12.47 -38.16
CA GLU A 63 -6.19 -13.28 -39.22
C GLU A 63 -7.12 -14.44 -39.58
N SER A 64 -7.79 -14.99 -38.56
CA SER A 64 -8.85 -15.97 -38.75
C SER A 64 -10.06 -15.30 -39.43
N GLY A 65 -10.19 -13.99 -39.21
CA GLY A 65 -11.20 -13.14 -39.85
C GLY A 65 -12.60 -13.72 -39.88
N GLY A 66 -13.00 -14.34 -38.76
CA GLY A 66 -14.28 -15.03 -38.69
C GLY A 66 -15.05 -14.82 -37.40
N GLY A 67 -16.25 -15.41 -37.37
CA GLY A 67 -17.12 -15.37 -36.20
C GLY A 67 -16.52 -16.11 -35.01
N ARG A 68 -17.21 -16.04 -33.88
CA ARG A 68 -16.67 -16.51 -32.60
C ARG A 68 -15.44 -15.71 -32.25
N GLY A 69 -15.63 -14.42 -31.96
CA GLY A 69 -14.52 -13.51 -31.71
C GLY A 69 -13.85 -13.72 -30.37
N ALA A 70 -13.34 -12.64 -29.80
CA ALA A 70 -12.67 -12.68 -28.51
C ALA A 70 -13.30 -11.71 -27.53
N ILE A 71 -13.33 -12.09 -26.26
CA ILE A 71 -13.83 -11.21 -25.21
C ILE A 71 -12.90 -11.26 -23.99
N ALA A 72 -12.67 -10.09 -23.39
CA ALA A 72 -11.91 -10.00 -22.16
C ALA A 72 -12.72 -10.53 -20.97
N ARG A 73 -12.04 -10.96 -19.92
CA ARG A 73 -12.70 -11.47 -18.72
C ARG A 73 -11.94 -11.08 -17.46
N GLY A 74 -12.65 -10.48 -16.51
CA GLY A 74 -12.10 -10.13 -15.21
C GLY A 74 -12.23 -11.28 -14.24
N LEU A 75 -12.90 -11.04 -13.12
CA LEU A 75 -13.05 -12.03 -12.06
C LEU A 75 -14.40 -12.76 -12.08
N GLY A 76 -15.17 -12.56 -13.16
CA GLY A 76 -16.44 -13.23 -13.37
C GLY A 76 -17.50 -12.95 -12.30
N ARG A 77 -17.60 -11.70 -11.88
CA ARG A 77 -18.57 -11.30 -10.87
C ARG A 77 -19.89 -10.81 -11.46
N SER A 78 -19.93 -10.63 -12.78
CA SER A 78 -21.17 -10.36 -13.49
C SER A 78 -21.98 -11.63 -13.55
N TYR A 79 -23.28 -11.52 -13.27
CA TYR A 79 -24.21 -12.64 -13.30
C TYR A 79 -24.58 -12.97 -14.74
N GLY A 80 -24.32 -12.03 -15.64
CA GLY A 80 -24.70 -12.16 -17.03
C GLY A 80 -23.79 -13.02 -17.88
N ASP A 81 -23.98 -12.89 -19.19
CA ASP A 81 -23.21 -13.62 -20.19
C ASP A 81 -22.31 -12.65 -20.96
N ASN A 82 -21.96 -11.54 -20.32
CA ASN A 82 -21.11 -10.53 -20.93
C ASN A 82 -19.63 -10.91 -20.97
N ALA A 83 -19.25 -11.88 -20.12
CA ALA A 83 -17.87 -12.32 -20.00
C ALA A 83 -17.59 -13.70 -20.62
N GLN A 84 -18.61 -14.32 -21.20
CA GLN A 84 -18.42 -15.58 -21.94
C GLN A 84 -18.69 -15.45 -23.44
N ASN A 85 -17.98 -16.27 -24.22
CA ASN A 85 -18.09 -16.29 -25.67
C ASN A 85 -18.03 -17.72 -26.18
N GLY A 86 -19.19 -18.38 -26.21
CA GLY A 86 -19.30 -19.80 -26.52
C GLY A 86 -18.81 -20.20 -27.90
N GLY A 87 -17.73 -21.00 -27.93
CA GLY A 87 -17.11 -21.43 -29.17
C GLY A 87 -16.05 -20.43 -29.65
N GLY A 88 -15.96 -19.30 -28.95
CA GLY A 88 -14.99 -18.27 -29.26
C GLY A 88 -13.83 -18.27 -28.27
N LEU A 89 -13.19 -17.12 -28.15
CA LEU A 89 -12.03 -16.98 -27.27
C LEU A 89 -12.34 -16.06 -26.08
N VAL A 90 -11.83 -16.44 -24.92
CA VAL A 90 -11.93 -15.63 -23.71
C VAL A 90 -10.52 -15.33 -23.20
N ILE A 91 -10.24 -14.06 -22.94
CA ILE A 91 -8.94 -13.66 -22.39
C ILE A 91 -9.07 -13.25 -20.92
N ASP A 92 -8.65 -14.13 -20.04
CA ASP A 92 -8.64 -13.86 -18.60
C ASP A 92 -7.54 -12.85 -18.30
N MET A 93 -7.95 -11.66 -17.87
CA MET A 93 -7.06 -10.52 -17.69
C MET A 93 -6.46 -10.44 -16.29
N THR A 94 -6.89 -11.36 -15.42
CA THR A 94 -6.46 -11.37 -14.02
C THR A 94 -4.93 -11.46 -13.77
N PRO A 95 -4.18 -12.16 -14.63
CA PRO A 95 -2.73 -12.18 -14.41
C PRO A 95 -1.99 -10.86 -14.72
N LEU A 96 -2.69 -9.87 -15.25
CA LEU A 96 -2.11 -8.53 -15.45
C LEU A 96 -2.47 -7.63 -14.27
N ASN A 97 -1.88 -7.92 -13.11
CA ASN A 97 -2.24 -7.23 -11.88
C ASN A 97 -1.14 -6.33 -11.31
N THR A 98 -0.32 -5.76 -12.21
CA THR A 98 0.77 -4.89 -11.82
C THR A 98 0.26 -3.48 -11.54
N ILE A 99 0.61 -2.96 -10.37
CA ILE A 99 0.36 -1.55 -10.05
C ILE A 99 1.63 -0.77 -10.38
N HIS A 100 1.53 0.14 -11.35
CA HIS A 100 2.69 0.89 -11.81
C HIS A 100 3.05 2.02 -10.90
N SER A 101 2.17 3.02 -10.80
CA SER A 101 2.45 4.16 -9.95
C SER A 101 1.21 4.66 -9.21
N ILE A 102 1.44 5.13 -7.99
CA ILE A 102 0.42 5.84 -7.22
C ILE A 102 1.06 7.14 -6.76
N ASP A 103 0.33 8.24 -6.95
CA ASP A 103 0.81 9.56 -6.57
C ASP A 103 -0.20 10.21 -5.63
N ALA A 104 0.26 10.65 -4.46
CA ALA A 104 -0.61 11.26 -3.46
C ALA A 104 -0.83 12.75 -3.72
N ASP A 105 0.06 13.35 -4.50
CA ASP A 105 -0.04 14.75 -4.86
C ASP A 105 -1.03 14.92 -6.02
N THR A 106 -0.85 14.13 -7.07
CA THR A 106 -1.73 14.16 -8.24
C THR A 106 -3.05 13.44 -7.95
N LYS A 107 -3.03 12.54 -6.97
CA LYS A 107 -4.17 11.68 -6.63
C LYS A 107 -4.45 10.64 -7.72
N LEU A 108 -3.43 10.37 -8.53
CA LEU A 108 -3.54 9.46 -9.66
C LEU A 108 -2.85 8.12 -9.39
N VAL A 109 -3.59 7.04 -9.61
CA VAL A 109 -3.02 5.70 -9.66
C VAL A 109 -2.87 5.27 -11.12
N ASP A 110 -1.92 4.38 -11.38
CA ASP A 110 -1.74 3.82 -12.71
C ASP A 110 -1.57 2.31 -12.59
N ILE A 111 -2.57 1.59 -13.09
CA ILE A 111 -2.64 0.13 -12.94
C ILE A 111 -3.01 -0.57 -14.24
N ASP A 112 -2.58 -1.83 -14.36
CA ASP A 112 -3.04 -2.72 -15.43
C ASP A 112 -4.49 -3.12 -15.16
N ALA A 113 -5.23 -3.39 -16.23
CA ALA A 113 -6.67 -3.64 -16.16
C ALA A 113 -7.10 -4.85 -15.33
N GLY A 114 -6.14 -5.70 -14.95
CA GLY A 114 -6.42 -6.91 -14.17
C GLY A 114 -6.25 -6.76 -12.67
N VAL A 115 -5.94 -5.54 -12.23
CA VAL A 115 -5.85 -5.22 -10.80
C VAL A 115 -7.25 -5.19 -10.21
N ASN A 116 -7.48 -5.92 -9.13
CA ASN A 116 -8.77 -5.88 -8.46
C ASN A 116 -8.89 -4.70 -7.51
N LEU A 117 -10.12 -4.33 -7.17
CA LEU A 117 -10.37 -3.16 -6.34
C LEU A 117 -9.98 -3.35 -4.88
N ASP A 118 -9.94 -4.60 -4.43
CA ASP A 118 -9.49 -4.89 -3.07
C ASP A 118 -7.99 -4.64 -2.91
N GLN A 119 -7.19 -5.12 -3.86
CA GLN A 119 -5.75 -4.89 -3.82
C GLN A 119 -5.40 -3.42 -4.07
N LEU A 120 -6.16 -2.77 -4.95
CA LEU A 120 -5.96 -1.35 -5.26
C LEU A 120 -6.23 -0.46 -4.05
N MET A 121 -7.26 -0.83 -3.28
CA MET A 121 -7.58 -0.11 -2.05
C MET A 121 -6.47 -0.27 -1.02
N LYS A 122 -6.02 -1.50 -0.83
CA LYS A 122 -4.95 -1.81 0.12
C LYS A 122 -3.70 -1.00 -0.19
N ALA A 123 -3.34 -0.92 -1.46
CA ALA A 123 -2.14 -0.22 -1.91
C ALA A 123 -2.23 1.29 -1.72
N ALA A 124 -3.43 1.83 -1.87
CA ALA A 124 -3.65 3.28 -1.91
C ALA A 124 -3.90 3.92 -0.55
N LEU A 125 -4.42 3.16 0.40
CA LEU A 125 -4.69 3.69 1.74
C LEU A 125 -3.49 4.35 2.42
N PRO A 126 -2.28 3.74 2.32
CA PRO A 126 -1.09 4.40 2.86
C PRO A 126 -0.75 5.75 2.20
N PHE A 127 -1.34 6.02 1.03
CA PHE A 127 -1.13 7.28 0.32
C PHE A 127 -2.16 8.36 0.71
N GLY A 128 -3.07 8.01 1.62
CA GLY A 128 -4.18 8.88 1.98
C GLY A 128 -5.23 8.95 0.87
N LEU A 129 -5.36 7.86 0.13
CA LEU A 129 -6.28 7.79 -1.01
C LEU A 129 -7.33 6.69 -0.87
N TRP A 130 -8.47 6.90 -1.53
CA TRP A 130 -9.62 6.02 -1.45
C TRP A 130 -10.14 5.74 -2.84
N VAL A 131 -10.65 4.54 -3.05
CA VAL A 131 -11.21 4.15 -4.35
C VAL A 131 -12.53 4.88 -4.57
N PRO A 132 -12.62 5.68 -5.65
CA PRO A 132 -13.73 6.60 -5.87
C PRO A 132 -15.11 5.93 -5.94
N VAL A 133 -15.16 4.76 -6.57
CA VAL A 133 -16.40 3.98 -6.67
C VAL A 133 -16.12 2.55 -6.26
N LEU A 134 -16.80 2.10 -5.20
CA LEU A 134 -16.72 0.73 -4.74
C LEU A 134 -18.09 0.07 -4.83
N PRO A 135 -18.16 -1.16 -5.39
CA PRO A 135 -19.42 -1.88 -5.50
C PRO A 135 -19.65 -2.80 -4.29
N GLY A 136 -20.73 -3.57 -4.33
CA GLY A 136 -21.10 -4.49 -3.25
C GLY A 136 -20.00 -5.49 -2.92
N THR A 137 -19.42 -6.10 -3.95
CA THR A 137 -18.25 -6.94 -3.79
C THR A 137 -16.99 -6.14 -4.12
N ARG A 138 -15.87 -6.53 -3.53
CA ARG A 138 -14.61 -5.84 -3.75
C ARG A 138 -13.79 -6.59 -4.80
N GLN A 139 -14.20 -7.82 -5.07
CA GLN A 139 -13.49 -8.71 -5.99
C GLN A 139 -13.85 -8.45 -7.46
N VAL A 140 -13.59 -7.23 -7.91
CA VAL A 140 -13.80 -6.87 -9.31
C VAL A 140 -12.56 -6.17 -9.88
N THR A 141 -12.25 -6.47 -11.14
CA THR A 141 -11.08 -5.90 -11.81
C THR A 141 -11.33 -4.45 -12.21
N VAL A 142 -10.26 -3.71 -12.48
CA VAL A 142 -10.36 -2.35 -13.01
C VAL A 142 -11.07 -2.40 -14.37
N GLY A 143 -10.67 -3.36 -15.21
CA GLY A 143 -11.30 -3.58 -16.50
C GLY A 143 -12.80 -3.84 -16.39
N GLY A 144 -13.18 -4.71 -15.46
CA GLY A 144 -14.58 -5.00 -15.19
C GLY A 144 -15.33 -3.78 -14.69
N ALA A 145 -14.67 -3.00 -13.84
CA ALA A 145 -15.26 -1.78 -13.26
C ALA A 145 -15.56 -0.73 -14.31
N ILE A 146 -14.68 -0.61 -15.31
CA ILE A 146 -14.85 0.35 -16.40
C ILE A 146 -15.91 -0.12 -17.39
N ALA A 147 -15.79 -1.37 -17.83
CA ALA A 147 -16.63 -1.90 -18.91
C ALA A 147 -18.10 -2.11 -18.50
N CYS A 148 -18.36 -2.19 -17.20
CA CYS A 148 -19.73 -2.19 -16.70
C CYS A 148 -20.09 -0.84 -16.08
N ASP A 149 -19.11 0.08 -16.05
CA ASP A 149 -19.26 1.42 -15.48
C ASP A 149 -19.93 1.33 -14.10
N ILE A 150 -19.33 0.51 -13.25
CA ILE A 150 -19.94 0.13 -11.97
C ILE A 150 -20.31 1.33 -11.10
N HIS A 151 -21.42 1.18 -10.39
CA HIS A 151 -21.94 2.21 -9.51
C HIS A 151 -21.91 1.69 -8.09
N GLY A 152 -21.97 2.62 -7.13
CA GLY A 152 -21.89 2.23 -5.72
C GLY A 152 -22.77 3.03 -4.78
N LYS A 153 -22.56 2.79 -3.49
CA LYS A 153 -23.32 3.43 -2.41
C LYS A 153 -23.25 4.96 -2.45
N ASN A 154 -22.33 5.49 -3.26
CA ASN A 154 -22.08 6.93 -3.32
C ASN A 154 -22.34 7.58 -4.68
N HIS A 155 -23.10 6.91 -5.55
CA HIS A 155 -23.36 7.40 -6.91
C HIS A 155 -23.90 8.80 -6.94
N HIS A 156 -24.75 9.13 -5.96
CA HIS A 156 -25.41 10.43 -5.89
C HIS A 156 -24.49 11.56 -5.53
N SER A 157 -23.30 11.24 -5.05
CA SER A 157 -22.30 12.24 -4.68
C SER A 157 -21.01 12.12 -5.48
N ALA A 158 -20.79 10.95 -6.10
CA ALA A 158 -19.53 10.66 -6.78
C ALA A 158 -19.71 10.29 -8.24
N GLY A 159 -20.79 9.58 -8.55
CA GLY A 159 -21.08 9.13 -9.91
C GLY A 159 -20.69 7.67 -10.14
N SER A 160 -20.45 7.33 -11.40
CA SER A 160 -20.09 5.98 -11.78
C SER A 160 -18.58 5.87 -11.83
N PHE A 161 -18.07 4.65 -12.06
CA PHE A 161 -16.64 4.41 -12.13
C PHE A 161 -15.97 5.16 -13.29
N GLY A 162 -16.71 5.33 -14.38
CA GLY A 162 -16.21 6.03 -15.56
C GLY A 162 -15.92 7.51 -15.36
N ASN A 163 -16.56 8.09 -14.34
CA ASN A 163 -16.37 9.51 -14.01
C ASN A 163 -14.98 9.82 -13.44
N HIS A 164 -14.19 8.77 -13.21
CA HIS A 164 -12.91 8.90 -12.51
C HIS A 164 -11.74 8.36 -13.30
N VAL A 165 -12.03 7.71 -14.41
CA VAL A 165 -11.00 7.26 -15.33
C VAL A 165 -10.45 8.47 -16.07
N ARG A 166 -9.24 8.88 -15.72
CA ARG A 166 -8.58 10.02 -16.35
C ARG A 166 -7.88 9.62 -17.64
N SER A 167 -7.59 8.32 -17.76
CA SER A 167 -6.96 7.77 -18.96
C SER A 167 -7.13 6.26 -18.98
N MET A 168 -7.11 5.69 -20.19
CA MET A 168 -7.03 4.24 -20.36
C MET A 168 -6.43 3.87 -21.70
N ASP A 169 -5.70 2.75 -21.72
CA ASP A 169 -5.10 2.22 -22.92
C ASP A 169 -5.90 1.02 -23.40
N LEU A 170 -6.35 1.07 -24.65
CA LEU A 170 -7.25 0.05 -25.20
C LEU A 170 -6.67 -0.65 -26.42
N LEU A 171 -6.59 -1.97 -26.34
CA LEU A 171 -6.21 -2.78 -27.48
C LEU A 171 -7.42 -2.91 -28.40
N THR A 172 -7.34 -2.28 -29.57
CA THR A 172 -8.43 -2.29 -30.54
C THR A 172 -8.30 -3.47 -31.50
N ALA A 173 -9.26 -3.59 -32.42
CA ALA A 173 -9.34 -4.72 -33.34
C ALA A 173 -8.23 -4.76 -34.39
N ASP A 174 -7.69 -3.59 -34.72
CA ASP A 174 -6.64 -3.47 -35.72
C ASP A 174 -5.27 -3.94 -35.23
N GLY A 175 -5.15 -4.15 -33.92
CA GLY A 175 -3.88 -4.55 -33.31
C GLY A 175 -3.21 -3.40 -32.60
N GLU A 176 -3.62 -2.17 -32.94
CA GLU A 176 -3.09 -0.96 -32.32
C GLU A 176 -3.58 -0.82 -30.88
N ILE A 177 -2.80 -0.14 -30.06
CA ILE A 177 -3.19 0.20 -28.70
C ILE A 177 -3.36 1.71 -28.61
N ARG A 178 -4.59 2.15 -28.36
CA ARG A 178 -4.93 3.57 -28.40
C ARG A 178 -5.14 4.17 -27.00
N HIS A 179 -4.40 5.23 -26.73
CA HIS A 179 -4.52 6.01 -25.50
C HIS A 179 -5.81 6.79 -25.57
N LEU A 180 -6.65 6.63 -24.56
CA LEU A 180 -7.97 7.28 -24.55
C LEU A 180 -8.16 8.21 -23.36
N THR A 181 -8.87 9.31 -23.60
CA THR A 181 -9.04 10.38 -22.61
C THR A 181 -10.51 10.83 -22.54
N PRO A 182 -10.96 11.31 -21.35
CA PRO A 182 -12.36 11.67 -21.18
C PRO A 182 -12.77 12.89 -22.01
N THR A 183 -11.93 13.93 -22.01
CA THR A 183 -12.22 15.17 -22.74
C THR A 183 -11.25 15.39 -23.89
N GLY A 184 -10.48 14.36 -24.24
CA GLY A 184 -9.51 14.44 -25.32
C GLY A 184 -10.13 14.30 -26.70
N GLU A 185 -9.27 14.13 -27.71
CA GLU A 185 -9.71 14.01 -29.10
C GLU A 185 -10.44 12.70 -29.38
N ASP A 186 -10.12 11.66 -28.60
CA ASP A 186 -10.69 10.33 -28.80
C ASP A 186 -11.77 10.03 -27.76
N ALA A 187 -12.42 11.10 -27.28
CA ALA A 187 -13.46 11.01 -26.24
C ALA A 187 -14.63 10.11 -26.63
N GLU A 188 -14.90 10.01 -27.93
CA GLU A 188 -15.98 9.18 -28.45
C GLU A 188 -15.76 7.71 -28.07
N LEU A 189 -14.62 7.18 -28.48
CA LEU A 189 -14.26 5.79 -28.20
C LEU A 189 -14.05 5.53 -26.70
N PHE A 190 -13.65 6.56 -25.97
CA PHE A 190 -13.50 6.51 -24.51
C PHE A 190 -14.84 6.15 -23.87
N TRP A 191 -15.85 6.98 -24.13
CA TRP A 191 -17.16 6.83 -23.52
C TRP A 191 -17.97 5.68 -24.05
N ALA A 192 -17.52 5.09 -25.14
CA ALA A 192 -18.12 3.88 -25.68
C ALA A 192 -17.52 2.64 -25.00
N THR A 193 -16.31 2.79 -24.48
CA THR A 193 -15.65 1.72 -23.72
C THR A 193 -16.15 1.73 -22.29
N VAL A 194 -16.42 2.92 -21.77
CA VAL A 194 -17.08 3.07 -20.47
C VAL A 194 -18.49 2.50 -20.62
N GLY A 195 -18.77 1.44 -19.86
CA GLY A 195 -20.05 0.75 -19.92
C GLY A 195 -20.27 -0.06 -21.19
N GLY A 196 -19.22 -0.22 -21.99
CA GLY A 196 -19.33 -0.90 -23.28
C GLY A 196 -19.16 -2.42 -23.24
N ASN A 197 -19.22 -2.99 -22.04
CA ASN A 197 -19.12 -4.44 -21.82
C ASN A 197 -17.97 -5.14 -22.56
N GLY A 198 -16.84 -4.45 -22.67
CA GLY A 198 -15.64 -4.98 -23.32
C GLY A 198 -15.78 -5.23 -24.81
N LEU A 199 -16.79 -4.63 -25.43
CA LEU A 199 -17.07 -4.87 -26.84
C LEU A 199 -16.40 -3.85 -27.77
N THR A 200 -15.69 -2.89 -27.18
CA THR A 200 -14.85 -1.96 -27.94
C THR A 200 -13.45 -2.55 -28.13
N GLY A 201 -13.02 -3.31 -27.13
CA GLY A 201 -11.71 -3.95 -27.13
C GLY A 201 -11.29 -4.39 -25.75
N ILE A 202 -9.99 -4.64 -25.59
CA ILE A 202 -9.45 -5.09 -24.32
C ILE A 202 -8.65 -3.96 -23.65
N ILE A 203 -9.20 -3.45 -22.54
CA ILE A 203 -8.49 -2.47 -21.72
C ILE A 203 -7.24 -3.14 -21.16
N MET A 204 -6.13 -2.42 -21.23
CA MET A 204 -4.83 -2.95 -20.84
C MET A 204 -4.32 -2.28 -19.57
N ARG A 205 -4.55 -0.97 -19.50
CA ARG A 205 -3.94 -0.10 -18.50
C ARG A 205 -4.80 1.13 -18.35
N ALA A 206 -5.02 1.56 -17.12
CA ALA A 206 -5.86 2.72 -16.85
C ALA A 206 -5.25 3.66 -15.83
N THR A 207 -5.73 4.89 -15.82
CA THR A 207 -5.32 5.91 -14.86
C THR A 207 -6.60 6.40 -14.17
N ILE A 208 -6.65 6.26 -12.85
CA ILE A 208 -7.85 6.61 -12.08
C ILE A 208 -7.51 7.69 -11.07
N GLU A 209 -8.30 8.76 -11.05
CA GLU A 209 -8.19 9.77 -10.00
C GLU A 209 -8.93 9.30 -8.75
N MET A 210 -8.20 9.27 -7.63
CA MET A 210 -8.73 8.74 -6.38
C MET A 210 -9.34 9.85 -5.51
N THR A 211 -10.22 9.45 -4.61
CA THR A 211 -10.78 10.37 -3.63
C THR A 211 -9.80 10.51 -2.47
N PRO A 212 -9.37 11.76 -2.18
CA PRO A 212 -8.49 12.01 -1.04
C PRO A 212 -9.18 11.66 0.27
N THR A 213 -8.46 11.00 1.17
CA THR A 213 -9.03 10.61 2.47
C THR A 213 -8.06 10.78 3.64
N SER A 214 -8.55 11.43 4.69
CA SER A 214 -7.83 11.57 5.94
C SER A 214 -7.72 10.23 6.65
N THR A 215 -8.78 9.40 6.55
CA THR A 215 -8.82 8.10 7.23
C THR A 215 -9.44 6.98 6.39
N ALA A 216 -9.42 5.77 6.94
CA ALA A 216 -10.05 4.60 6.32
C ALA A 216 -11.31 4.18 7.09
N TYR A 217 -12.00 5.17 7.67
CA TYR A 217 -13.19 4.93 8.47
C TYR A 217 -14.39 5.73 7.98
N PHE A 218 -15.58 5.37 8.47
CA PHE A 218 -16.81 6.06 8.12
C PHE A 218 -17.54 6.59 9.35
N ILE A 219 -18.06 7.81 9.25
CA ILE A 219 -19.05 8.31 10.21
C ILE A 219 -20.42 7.95 9.62
N ALA A 220 -21.16 7.13 10.35
CA ALA A 220 -22.40 6.54 9.85
C ALA A 220 -23.64 7.04 10.58
N ASP A 221 -24.73 7.16 9.83
CA ASP A 221 -26.00 7.65 10.34
C ASP A 221 -27.09 6.67 9.90
N GLY A 222 -27.85 6.17 10.86
CA GLY A 222 -28.85 5.14 10.58
C GLY A 222 -30.28 5.57 10.84
N ASP A 223 -31.19 5.11 9.98
CA ASP A 223 -32.62 5.40 10.10
C ASP A 223 -33.48 4.20 9.69
N VAL A 224 -34.60 4.01 10.39
CA VAL A 224 -35.57 2.96 10.05
C VAL A 224 -36.88 3.59 9.58
N THR A 225 -37.47 3.02 8.54
CA THR A 225 -38.77 3.48 8.04
C THR A 225 -39.86 2.44 8.29
N ALA A 226 -41.11 2.87 8.20
CA ALA A 226 -42.27 2.00 8.49
C ALA A 226 -43.04 1.56 7.24
N SER A 227 -42.89 2.31 6.15
CA SER A 227 -43.61 2.03 4.91
C SER A 227 -42.81 2.45 3.68
N LEU A 228 -43.34 2.15 2.49
CA LEU A 228 -42.70 2.56 1.24
C LEU A 228 -42.72 4.08 1.08
N ASP A 229 -43.83 4.70 1.50
CA ASP A 229 -43.98 6.15 1.47
C ASP A 229 -42.92 6.83 2.32
N GLU A 230 -42.74 6.34 3.54
CA GLU A 230 -41.77 6.88 4.49
C GLU A 230 -40.33 6.69 4.02
N THR A 231 -40.10 5.62 3.25
CA THR A 231 -38.80 5.38 2.62
C THR A 231 -38.53 6.41 1.52
N ILE A 232 -39.52 6.64 0.67
CA ILE A 232 -39.41 7.60 -0.43
C ILE A 232 -39.34 9.04 0.09
N ALA A 233 -40.10 9.33 1.14
CA ALA A 233 -40.08 10.64 1.79
C ALA A 233 -38.67 11.03 2.22
N LEU A 234 -38.03 10.14 2.99
CA LEU A 234 -36.67 10.34 3.49
C LEU A 234 -35.64 10.51 2.37
N HIS A 235 -35.91 9.92 1.21
CA HIS A 235 -35.00 9.97 0.08
C HIS A 235 -35.20 11.18 -0.79
N SER A 236 -36.28 11.91 -0.56
CA SER A 236 -36.56 13.11 -1.35
C SER A 236 -36.78 14.36 -0.51
N ASP A 237 -36.61 14.23 0.81
CA ASP A 237 -36.77 15.38 1.72
C ASP A 237 -35.52 16.28 1.80
N GLY A 238 -34.38 15.76 1.34
CA GLY A 238 -33.16 16.54 1.29
C GLY A 238 -32.02 16.05 2.18
N SER A 239 -32.29 14.98 2.94
CA SER A 239 -31.28 14.38 3.81
C SER A 239 -30.08 13.87 3.02
N GLU A 240 -30.35 13.34 1.83
CA GLU A 240 -29.33 12.83 0.92
C GLU A 240 -28.14 13.77 0.73
N ALA A 241 -28.42 15.07 0.77
CA ALA A 241 -27.39 16.10 0.63
C ALA A 241 -26.35 16.06 1.74
N ARG A 242 -26.79 15.68 2.95
CA ARG A 242 -25.92 15.58 4.12
C ARG A 242 -24.89 14.44 4.03
N TYR A 243 -25.16 13.45 3.17
CA TYR A 243 -24.34 12.25 3.09
C TYR A 243 -23.76 12.02 1.71
N THR A 244 -22.54 11.47 1.66
CA THR A 244 -21.94 11.07 0.39
C THR A 244 -22.20 9.60 0.09
N TYR A 245 -22.44 8.81 1.13
CA TYR A 245 -22.76 7.40 0.98
C TYR A 245 -24.17 7.12 1.51
N SER A 246 -24.95 6.36 0.73
CA SER A 246 -26.35 6.12 1.04
C SER A 246 -26.89 4.86 0.36
N SER A 247 -27.54 3.99 1.13
CA SER A 247 -28.25 2.81 0.61
C SER A 247 -29.11 2.20 1.73
N ALA A 248 -30.00 1.28 1.37
CA ALA A 248 -30.94 0.72 2.33
C ALA A 248 -31.43 -0.70 2.02
N TRP A 249 -31.51 -1.54 3.05
CA TRP A 249 -32.17 -2.83 2.96
CA TRP A 249 -32.17 -2.83 2.96
C TRP A 249 -33.65 -2.60 3.06
N PHE A 250 -34.43 -3.17 2.13
CA PHE A 250 -35.88 -2.96 2.18
C PHE A 250 -36.72 -4.24 2.10
N ASP A 251 -37.90 -4.17 2.71
CA ASP A 251 -38.85 -5.29 2.80
C ASP A 251 -39.71 -5.37 1.54
N ALA A 252 -39.69 -6.53 0.89
CA ALA A 252 -40.47 -6.74 -0.34
C ALA A 252 -41.42 -7.94 -0.23
N ILE A 253 -41.61 -8.43 0.99
CA ILE A 253 -42.50 -9.57 1.23
C ILE A 253 -43.80 -9.11 1.88
N SER A 254 -43.68 -8.36 2.98
CA SER A 254 -44.83 -7.89 3.74
C SER A 254 -45.79 -7.06 2.88
N ALA A 255 -47.08 -7.19 3.16
CA ALA A 255 -48.11 -6.47 2.43
C ALA A 255 -48.16 -5.01 2.88
N PRO A 256 -48.71 -4.12 2.01
CA PRO A 256 -49.02 -2.76 2.43
C PRO A 256 -49.77 -2.73 3.78
N PRO A 257 -49.45 -1.75 4.65
CA PRO A 257 -48.52 -0.65 4.42
C PRO A 257 -47.04 -1.00 4.63
N LYS A 258 -46.76 -2.14 5.26
CA LYS A 258 -45.40 -2.52 5.62
C LYS A 258 -44.48 -2.77 4.43
N LEU A 259 -45.06 -3.07 3.27
CA LEU A 259 -44.30 -3.17 2.04
C LEU A 259 -43.47 -1.90 1.84
N GLY A 260 -42.17 -2.08 1.67
CA GLY A 260 -41.27 -0.97 1.39
C GLY A 260 -40.50 -0.42 2.57
N ARG A 261 -40.84 -0.87 3.78
CA ARG A 261 -40.12 -0.44 4.98
C ARG A 261 -38.64 -0.79 4.86
N ALA A 262 -37.78 0.08 5.38
CA ALA A 262 -36.34 -0.05 5.14
C ALA A 262 -35.47 0.29 6.34
N ALA A 263 -34.29 -0.33 6.39
CA ALA A 263 -33.21 0.08 7.27
C ALA A 263 -32.20 0.83 6.41
N VAL A 264 -32.03 2.13 6.69
CA VAL A 264 -31.20 2.99 5.87
C VAL A 264 -29.84 3.25 6.54
N SER A 265 -28.78 3.12 5.75
CA SER A 265 -27.42 3.33 6.23
C SER A 265 -26.73 4.39 5.37
N ARG A 266 -26.42 5.52 5.99
CA ARG A 266 -25.86 6.67 5.30
C ARG A 266 -24.67 7.27 6.04
N GLY A 267 -23.78 7.94 5.33
CA GLY A 267 -22.63 8.58 5.96
C GLY A 267 -21.58 9.14 5.02
N ARG A 268 -20.40 9.39 5.56
CA ARG A 268 -19.28 9.92 4.80
C ARG A 268 -17.94 9.45 5.37
N LEU A 269 -16.89 9.56 4.55
CA LEU A 269 -15.52 9.26 4.98
C LEU A 269 -15.12 10.16 6.14
N ALA A 270 -14.62 9.56 7.21
CA ALA A 270 -14.25 10.30 8.40
C ALA A 270 -12.89 11.00 8.26
N THR A 271 -12.68 12.01 9.10
CA THR A 271 -11.37 12.65 9.25
C THR A 271 -10.74 12.23 10.58
N VAL A 272 -9.46 12.53 10.73
CA VAL A 272 -8.69 12.13 11.92
C VAL A 272 -9.31 12.61 13.24
N GLU A 273 -9.69 13.88 13.29
CA GLU A 273 -10.30 14.49 14.48
C GLU A 273 -11.64 13.86 14.85
N GLN A 274 -12.31 13.29 13.85
CA GLN A 274 -13.61 12.64 14.05
C GLN A 274 -13.45 11.26 14.66
N LEU A 275 -12.34 10.59 14.32
CA LEU A 275 -11.97 9.30 14.91
C LEU A 275 -11.66 9.44 16.39
N PRO A 276 -12.01 8.43 17.19
CA PRO A 276 -11.57 8.36 18.59
C PRO A 276 -10.05 8.29 18.69
N ALA A 277 -9.49 8.88 19.76
CA ALA A 277 -8.05 9.01 19.94
C ALA A 277 -7.28 7.68 19.89
N LYS A 278 -7.94 6.60 20.31
CA LYS A 278 -7.33 5.27 20.30
C LYS A 278 -7.13 4.74 18.88
N LEU A 279 -7.88 5.28 17.93
CA LEU A 279 -7.75 4.95 16.52
C LEU A 279 -7.12 6.09 15.73
N ARG A 280 -6.72 7.15 16.45
CA ARG A 280 -6.00 8.28 15.87
C ARG A 280 -4.61 7.84 15.45
N SER A 281 -4.08 6.86 16.18
CA SER A 281 -2.77 6.26 15.94
C SER A 281 -2.52 6.03 14.45
N GLU A 282 -3.40 5.24 13.82
CA GLU A 282 -3.29 4.96 12.40
C GLU A 282 -4.67 5.13 11.74
N PRO A 283 -4.92 6.33 11.19
CA PRO A 283 -6.19 6.66 10.54
C PRO A 283 -6.45 5.81 9.30
N LEU A 284 -5.39 5.50 8.56
CA LEU A 284 -5.48 4.81 7.27
C LEU A 284 -5.31 3.29 7.39
N LYS A 285 -5.34 2.78 8.62
CA LYS A 285 -5.27 1.34 8.87
C LYS A 285 -6.54 0.62 8.44
N PHE A 286 -6.38 -0.58 7.91
CA PHE A 286 -7.51 -1.44 7.63
C PHE A 286 -7.49 -2.68 8.52
N ASP A 287 -7.98 -2.49 9.75
CA ASP A 287 -8.15 -3.56 10.72
C ASP A 287 -9.04 -4.67 10.17
N ALA A 288 -8.51 -5.89 10.17
CA ALA A 288 -9.23 -7.07 9.67
C ALA A 288 -10.41 -7.43 10.58
N PRO A 289 -11.47 -8.03 10.00
CA PRO A 289 -12.63 -8.46 10.79
C PRO A 289 -12.29 -9.57 11.78
N ASN A 304 -37.44 -14.49 19.55
CA ASN A 304 -38.24 -14.31 20.75
C ASN A 304 -39.66 -13.83 20.47
N LYS A 305 -40.46 -13.68 21.53
CA LYS A 305 -41.87 -13.30 21.43
C LYS A 305 -42.11 -11.85 21.00
N TYR A 306 -41.14 -10.97 21.28
CA TYR A 306 -41.25 -9.54 20.99
C TYR A 306 -41.05 -9.22 19.52
N THR A 307 -40.13 -9.95 18.87
CA THR A 307 -39.67 -9.66 17.50
C THR A 307 -40.73 -9.12 16.55
N PHE A 308 -41.84 -9.85 16.40
CA PHE A 308 -42.88 -9.49 15.44
C PHE A 308 -43.97 -8.61 16.06
N GLY A 309 -43.90 -8.42 17.38
CA GLY A 309 -44.82 -7.55 18.09
C GLY A 309 -44.44 -6.08 18.00
N PRO A 310 -45.29 -5.19 18.54
CA PRO A 310 -45.06 -3.73 18.54
C PRO A 310 -43.77 -3.29 19.23
N ILE A 311 -43.34 -4.01 20.26
CA ILE A 311 -42.06 -3.75 20.92
C ILE A 311 -40.90 -4.16 20.00
N GLY A 312 -41.10 -5.25 19.26
CA GLY A 312 -40.12 -5.70 18.28
C GLY A 312 -39.88 -4.67 17.20
N GLU A 313 -40.97 -4.07 16.70
CA GLU A 313 -40.89 -2.95 15.75
C GLU A 313 -40.15 -1.75 16.34
N LEU A 314 -40.38 -1.53 17.63
CA LEU A 314 -39.79 -0.40 18.34
C LEU A 314 -38.30 -0.64 18.63
N TRP A 315 -37.96 -1.86 19.03
CA TRP A 315 -36.57 -2.26 19.27
C TRP A 315 -35.75 -2.16 18.01
N TYR A 316 -36.29 -2.67 16.91
CA TYR A 316 -35.63 -2.64 15.61
C TYR A 316 -35.43 -1.21 15.14
N ARG A 317 -36.40 -0.37 15.47
CA ARG A 317 -36.39 1.04 15.08
C ARG A 317 -35.26 1.82 15.76
N LYS A 318 -35.09 1.63 17.06
CA LYS A 318 -34.04 2.33 17.80
C LYS A 318 -32.65 1.75 17.53
N SER A 319 -32.56 0.43 17.37
CA SER A 319 -31.29 -0.23 17.04
C SER A 319 -30.83 0.08 15.62
N GLY A 320 -31.79 0.42 14.75
CA GLY A 320 -31.47 0.84 13.39
C GLY A 320 -31.32 2.34 13.26
N THR A 321 -31.59 3.06 14.35
CA THR A 321 -31.44 4.52 14.40
C THR A 321 -30.22 4.89 15.22
N TYR A 322 -29.21 5.47 14.57
CA TYR A 322 -27.98 5.89 15.23
C TYR A 322 -27.37 7.13 14.59
N ARG A 323 -26.63 7.88 15.39
CA ARG A 323 -25.98 9.10 14.91
C ARG A 323 -24.45 9.03 15.00
N GLY A 324 -23.79 9.46 13.94
CA GLY A 324 -22.34 9.60 13.88
C GLY A 324 -21.52 8.42 14.37
N LYS A 325 -21.95 7.20 14.03
CA LYS A 325 -21.23 5.99 14.43
C LYS A 325 -19.96 5.80 13.58
N VAL A 326 -18.83 5.69 14.28
CA VAL A 326 -17.55 5.42 13.63
C VAL A 326 -17.49 3.94 13.28
N GLN A 327 -17.25 3.65 12.00
CA GLN A 327 -17.26 2.27 11.54
C GLN A 327 -16.13 1.90 10.59
N ASN A 328 -15.76 0.63 10.62
CA ASN A 328 -14.92 0.01 9.61
C ASN A 328 -15.55 0.12 8.24
N LEU A 329 -14.74 -0.14 7.21
CA LEU A 329 -15.26 -0.30 5.86
C LEU A 329 -16.09 -1.59 5.79
N THR A 330 -15.67 -2.61 6.53
CA THR A 330 -16.39 -3.87 6.62
C THR A 330 -17.75 -3.66 7.32
N GLN A 331 -17.71 -2.98 8.47
CA GLN A 331 -18.90 -2.70 9.27
C GLN A 331 -19.93 -1.85 8.52
N PHE A 332 -19.44 -0.90 7.73
CA PHE A 332 -20.30 0.02 6.99
C PHE A 332 -20.77 -0.55 5.66
N TYR A 333 -19.84 -1.08 4.88
CA TYR A 333 -20.08 -1.35 3.46
C TYR A 333 -20.21 -2.83 3.07
N HIS A 334 -19.22 -3.64 3.46
CA HIS A 334 -19.18 -5.05 3.06
C HIS A 334 -19.59 -6.03 4.15
N PRO A 335 -20.63 -5.72 4.96
CA PRO A 335 -21.00 -6.53 6.12
C PRO A 335 -20.54 -7.99 6.09
N ALA A 349 -26.60 -19.24 -7.09
CA ALA A 349 -26.78 -20.31 -8.08
C ALA A 349 -28.25 -20.53 -8.41
N GLY A 350 -29.02 -20.97 -7.41
CA GLY A 350 -30.45 -21.25 -7.57
C GLY A 350 -31.32 -20.02 -7.45
N PHE A 351 -30.70 -18.84 -7.47
CA PHE A 351 -31.39 -17.56 -7.39
C PHE A 351 -31.23 -16.76 -8.69
N LEU A 352 -32.00 -15.69 -8.80
CA LEU A 352 -31.96 -14.78 -9.93
C LEU A 352 -32.03 -13.36 -9.40
N GLN A 353 -30.90 -12.66 -9.45
CA GLN A 353 -30.84 -11.27 -9.04
CA GLN A 353 -30.83 -11.25 -9.05
C GLN A 353 -31.36 -10.37 -10.18
N TYR A 354 -32.28 -9.48 -9.83
CA TYR A 354 -32.89 -8.57 -10.77
C TYR A 354 -32.62 -7.14 -10.31
N GLN A 355 -32.07 -6.33 -11.21
CA GLN A 355 -31.78 -4.94 -10.88
C GLN A 355 -32.25 -3.99 -11.97
N PHE A 356 -33.03 -2.99 -11.53
CA PHE A 356 -33.55 -1.96 -12.42
C PHE A 356 -33.56 -0.62 -11.69
N VAL A 357 -33.60 0.46 -12.48
CA VAL A 357 -33.78 1.79 -11.94
C VAL A 357 -34.93 2.50 -12.66
N ILE A 358 -35.73 3.24 -11.90
CA ILE A 358 -36.86 3.99 -12.44
C ILE A 358 -36.60 5.48 -12.19
N PRO A 359 -36.70 6.31 -13.26
CA PRO A 359 -36.48 7.77 -13.20
C PRO A 359 -37.13 8.43 -11.99
N THR A 360 -36.42 9.39 -11.40
CA THR A 360 -36.80 10.02 -10.13
C THR A 360 -38.26 10.49 -10.09
N GLU A 361 -38.67 11.21 -11.13
CA GLU A 361 -40.00 11.81 -11.21
C GLU A 361 -41.12 10.77 -11.29
N ALA A 362 -40.77 9.55 -11.71
CA ALA A 362 -41.72 8.46 -11.84
C ALA A 362 -41.98 7.76 -10.48
N VAL A 363 -42.29 8.56 -9.47
CA VAL A 363 -42.46 8.06 -8.11
C VAL A 363 -43.59 7.04 -7.97
N ASP A 364 -44.77 7.35 -8.50
CA ASP A 364 -45.96 6.50 -8.37
C ASP A 364 -45.82 5.19 -9.13
N GLU A 365 -45.33 5.28 -10.36
CA GLU A 365 -45.10 4.09 -11.19
C GLU A 365 -43.97 3.22 -10.65
N PHE A 366 -43.08 3.81 -9.85
CA PHE A 366 -42.10 3.04 -9.09
C PHE A 366 -42.77 2.31 -7.92
N LYS A 367 -43.71 2.98 -7.26
CA LYS A 367 -44.47 2.40 -6.15
C LYS A 367 -45.36 1.27 -6.65
N LYS A 368 -45.79 1.38 -7.90
CA LYS A 368 -46.65 0.40 -8.55
C LYS A 368 -45.91 -0.91 -8.78
N ILE A 369 -44.69 -0.82 -9.31
CA ILE A 369 -43.88 -2.00 -9.62
C ILE A 369 -43.39 -2.74 -8.37
N ILE A 370 -43.21 -2.03 -7.26
CA ILE A 370 -42.89 -2.67 -5.98
C ILE A 370 -44.11 -3.47 -5.50
N GLY A 371 -45.30 -2.89 -5.65
CA GLY A 371 -46.55 -3.55 -5.30
C GLY A 371 -46.78 -4.81 -6.13
N VAL A 372 -46.40 -4.74 -7.41
CA VAL A 372 -46.44 -5.86 -8.33
C VAL A 372 -45.59 -7.03 -7.81
N ILE A 373 -44.33 -6.75 -7.51
CA ILE A 373 -43.36 -7.77 -7.08
C ILE A 373 -43.85 -8.50 -5.83
N GLN A 374 -44.33 -7.74 -4.85
CA GLN A 374 -44.88 -8.30 -3.62
C GLN A 374 -46.11 -9.17 -3.91
N ALA A 375 -46.90 -8.76 -4.91
CA ALA A 375 -48.14 -9.44 -5.26
C ALA A 375 -47.93 -10.75 -6.02
N SER A 376 -46.79 -10.87 -6.70
CA SER A 376 -46.53 -11.99 -7.59
C SER A 376 -46.32 -13.34 -6.88
N GLY A 377 -46.00 -13.30 -5.59
CA GLY A 377 -45.76 -14.52 -4.83
C GLY A 377 -44.32 -15.01 -4.93
N HIS A 378 -43.48 -14.24 -5.61
CA HIS A 378 -42.04 -14.50 -5.62
C HIS A 378 -41.40 -13.69 -4.52
N TYR A 379 -40.84 -14.38 -3.53
CA TYR A 379 -40.35 -13.71 -2.33
C TYR A 379 -38.84 -13.49 -2.34
N SER A 380 -38.46 -12.22 -2.30
CA SER A 380 -37.07 -11.80 -2.31
C SER A 380 -36.70 -11.17 -0.97
N PHE A 381 -35.67 -11.71 -0.32
CA PHE A 381 -35.23 -11.24 0.99
C PHE A 381 -34.09 -10.21 0.91
N LEU A 382 -33.16 -10.44 -0.01
CA LEU A 382 -32.00 -9.57 -0.19
C LEU A 382 -32.34 -8.43 -1.13
N ASN A 383 -32.73 -7.29 -0.56
CA ASN A 383 -33.18 -6.15 -1.37
C ASN A 383 -32.43 -4.86 -1.08
N VAL A 384 -31.75 -4.32 -2.10
CA VAL A 384 -31.00 -3.08 -1.94
C VAL A 384 -31.72 -1.92 -2.62
N PHE A 385 -31.86 -0.82 -1.89
CA PHE A 385 -32.53 0.38 -2.39
C PHE A 385 -31.58 1.56 -2.35
N LYS A 386 -31.51 2.29 -3.46
CA LYS A 386 -30.75 3.52 -3.52
C LYS A 386 -31.39 4.53 -4.47
N LEU A 387 -31.07 5.80 -4.30
CA LEU A 387 -31.44 6.85 -5.25
C LEU A 387 -30.20 7.36 -5.98
N PHE A 388 -30.04 6.97 -7.24
CA PHE A 388 -28.93 7.43 -8.07
C PHE A 388 -28.96 8.94 -8.28
N GLY A 389 -27.79 9.56 -8.30
CA GLY A 389 -27.65 10.95 -8.73
C GLY A 389 -27.47 11.05 -10.24
N PRO A 390 -26.96 12.19 -10.73
CA PRO A 390 -26.75 12.47 -12.16
C PRO A 390 -25.97 11.41 -12.94
N ARG A 391 -26.54 10.99 -14.07
CA ARG A 391 -25.87 10.11 -15.03
C ARG A 391 -24.66 10.77 -15.70
N ASN A 392 -23.81 9.97 -16.32
CA ASN A 392 -22.69 10.48 -17.11
C ASN A 392 -22.99 10.44 -18.61
N GLN A 393 -21.96 10.58 -19.45
CA GLN A 393 -22.16 10.72 -20.90
C GLN A 393 -21.84 9.47 -21.72
N ALA A 394 -21.68 8.33 -21.04
CA ALA A 394 -21.51 7.06 -21.73
C ALA A 394 -22.87 6.57 -22.24
N PRO A 395 -22.99 6.35 -23.57
CA PRO A 395 -24.25 5.90 -24.16
C PRO A 395 -24.83 4.66 -23.48
N LEU A 396 -23.98 3.68 -23.19
CA LEU A 396 -24.42 2.40 -22.64
C LEU A 396 -24.34 2.32 -21.11
N SER A 397 -24.22 3.47 -20.46
CA SER A 397 -24.17 3.54 -19.01
C SER A 397 -25.49 3.13 -18.37
N PHE A 398 -25.44 2.25 -17.39
CA PHE A 398 -26.65 1.85 -16.66
C PHE A 398 -27.27 3.01 -15.89
N PRO A 399 -26.53 3.61 -14.93
CA PRO A 399 -27.24 4.48 -13.98
C PRO A 399 -27.73 5.81 -14.56
N ILE A 400 -28.99 6.11 -14.26
CA ILE A 400 -29.62 7.41 -14.52
C ILE A 400 -30.25 7.87 -13.20
N PRO A 401 -30.51 9.19 -13.04
CA PRO A 401 -31.01 9.62 -11.73
C PRO A 401 -32.37 8.99 -11.46
N GLY A 402 -32.47 8.23 -10.38
CA GLY A 402 -33.73 7.58 -10.04
C GLY A 402 -33.66 6.49 -8.99
N TRP A 403 -34.67 5.64 -9.00
CA TRP A 403 -34.92 4.70 -7.92
C TRP A 403 -34.39 3.32 -8.23
N ASN A 404 -33.19 3.04 -7.72
CA ASN A 404 -32.52 1.76 -7.94
C ASN A 404 -32.98 0.66 -6.97
N ILE A 405 -33.33 -0.49 -7.53
CA ILE A 405 -33.76 -1.65 -6.75
C ILE A 405 -32.95 -2.89 -7.13
N CYS A 406 -32.55 -3.64 -6.11
CA CYS A 406 -31.91 -4.94 -6.30
C CYS A 406 -32.72 -5.97 -5.57
N VAL A 407 -33.32 -6.89 -6.33
CA VAL A 407 -34.08 -8.00 -5.75
C VAL A 407 -33.45 -9.34 -6.15
N ASP A 408 -33.65 -10.35 -5.31
CA ASP A 408 -33.04 -11.66 -5.53
C ASP A 408 -34.10 -12.75 -5.42
N PHE A 409 -34.57 -13.22 -6.58
CA PHE A 409 -35.65 -14.20 -6.66
C PHE A 409 -35.14 -15.64 -6.69
N PRO A 410 -35.72 -16.52 -5.84
CA PRO A 410 -35.48 -17.95 -5.92
C PRO A 410 -36.08 -18.52 -7.21
N ILE A 411 -35.32 -19.35 -7.92
CA ILE A 411 -35.78 -19.91 -9.18
C ILE A 411 -36.88 -20.95 -8.96
N LYS A 412 -38.07 -20.65 -9.48
CA LYS A 412 -39.22 -21.55 -9.44
C LYS A 412 -40.16 -21.28 -10.60
N ASP A 413 -40.98 -22.29 -10.94
CA ASP A 413 -41.95 -22.20 -12.04
C ASP A 413 -42.60 -20.83 -12.17
N GLY A 414 -42.56 -20.28 -13.38
CA GLY A 414 -43.25 -19.02 -13.69
C GLY A 414 -42.49 -17.75 -13.38
N LEU A 415 -41.24 -17.88 -12.93
CA LEU A 415 -40.40 -16.73 -12.62
C LEU A 415 -39.89 -16.07 -13.90
N GLY A 416 -39.44 -16.89 -14.85
CA GLY A 416 -38.94 -16.38 -16.13
C GLY A 416 -39.97 -15.51 -16.83
N LYS A 417 -41.23 -15.91 -16.73
CA LYS A 417 -42.33 -15.20 -17.39
C LYS A 417 -42.70 -13.94 -16.60
N PHE A 418 -42.61 -14.03 -15.27
CA PHE A 418 -42.91 -12.90 -14.39
C PHE A 418 -41.92 -11.75 -14.56
N VAL A 419 -40.63 -12.08 -14.67
CA VAL A 419 -39.59 -11.06 -14.84
C VAL A 419 -39.60 -10.46 -16.26
N SER A 420 -40.16 -11.20 -17.22
CA SER A 420 -40.39 -10.67 -18.56
C SER A 420 -41.48 -9.60 -18.53
N GLU A 421 -42.36 -9.69 -17.53
CA GLU A 421 -43.41 -8.71 -17.31
C GLU A 421 -42.91 -7.51 -16.52
N LEU A 422 -41.82 -7.70 -15.77
CA LEU A 422 -41.15 -6.59 -15.09
C LEU A 422 -40.33 -5.80 -16.09
N ASP A 423 -39.60 -6.51 -16.95
CA ASP A 423 -38.91 -5.89 -18.08
C ASP A 423 -39.84 -4.94 -18.82
N ARG A 424 -41.09 -5.35 -18.96
CA ARG A 424 -42.10 -4.61 -19.70
C ARG A 424 -42.44 -3.31 -18.99
N ARG A 425 -42.62 -3.38 -17.69
CA ARG A 425 -43.00 -2.22 -16.88
C ARG A 425 -41.84 -1.25 -16.68
N VAL A 426 -40.65 -1.78 -16.39
CA VAL A 426 -39.44 -0.98 -16.26
C VAL A 426 -39.21 -0.18 -17.54
N LEU A 427 -39.29 -0.85 -18.68
CA LEU A 427 -39.20 -0.18 -19.98
C LEU A 427 -40.30 0.88 -20.14
N GLU A 428 -41.53 0.49 -19.78
CA GLU A 428 -42.69 1.36 -19.90
C GLU A 428 -42.57 2.62 -19.05
N PHE A 429 -42.06 2.45 -17.83
CA PHE A 429 -41.89 3.58 -16.91
C PHE A 429 -40.53 4.29 -17.10
N GLY A 430 -39.96 4.18 -18.30
CA GLY A 430 -38.76 4.91 -18.69
C GLY A 430 -37.45 4.49 -18.04
N GLY A 431 -37.40 3.28 -17.50
CA GLY A 431 -36.20 2.77 -16.82
C GLY A 431 -35.39 1.79 -17.64
N ARG A 432 -34.42 1.15 -16.99
CA ARG A 432 -33.54 0.19 -17.66
C ARG A 432 -33.01 -0.93 -16.75
N LEU A 433 -32.37 -1.92 -17.37
CA LEU A 433 -31.72 -3.02 -16.67
C LEU A 433 -30.20 -2.90 -16.73
N TYR A 434 -29.52 -3.65 -15.89
CA TYR A 434 -28.06 -3.65 -15.78
C TYR A 434 -27.48 -4.85 -16.50
N THR A 435 -26.60 -4.62 -17.49
CA THR A 435 -26.00 -5.70 -18.26
C THR A 435 -25.23 -6.68 -17.37
N ALA A 436 -24.64 -6.16 -16.31
CA ALA A 436 -23.91 -6.97 -15.34
C ALA A 436 -24.80 -8.00 -14.64
N LYS A 437 -26.08 -7.67 -14.44
CA LYS A 437 -27.01 -8.56 -13.77
C LYS A 437 -27.84 -9.39 -14.75
N ASP A 438 -27.87 -8.97 -16.02
CA ASP A 438 -28.78 -9.56 -17.01
C ASP A 438 -28.22 -10.78 -17.72
N SER A 439 -29.02 -11.83 -17.76
CA SER A 439 -28.69 -13.05 -18.51
C SER A 439 -29.81 -13.44 -19.49
N ARG A 440 -30.99 -12.86 -19.33
CA ARG A 440 -32.16 -13.35 -20.07
C ARG A 440 -33.20 -12.35 -20.63
N THR A 441 -32.90 -11.05 -20.62
CA THR A 441 -33.78 -10.10 -21.32
C THR A 441 -33.63 -10.28 -22.84
N THR A 442 -34.55 -9.68 -23.61
CA THR A 442 -34.50 -9.74 -25.06
C THR A 442 -33.78 -8.54 -25.64
N ALA A 443 -33.26 -8.69 -26.87
CA ALA A 443 -32.58 -7.60 -27.57
C ALA A 443 -33.48 -6.38 -27.72
N GLU A 444 -34.70 -6.62 -28.18
CA GLU A 444 -35.71 -5.58 -28.38
C GLU A 444 -35.99 -4.77 -27.12
N THR A 445 -36.24 -5.47 -26.01
CA THR A 445 -36.48 -4.83 -24.71
C THR A 445 -35.29 -3.96 -24.30
N PHE A 446 -34.08 -4.49 -24.44
CA PHE A 446 -32.85 -3.77 -24.12
C PHE A 446 -32.65 -2.53 -24.99
N HIS A 447 -32.82 -2.70 -26.31
CA HIS A 447 -32.63 -1.61 -27.27
C HIS A 447 -33.52 -0.44 -27.04
N ALA A 448 -34.74 -0.70 -26.55
CA ALA A 448 -35.68 0.36 -26.24
C ALA A 448 -35.34 1.04 -24.91
N MET A 449 -34.74 0.28 -23.99
CA MET A 449 -34.34 0.79 -22.68
C MET A 449 -33.14 1.76 -22.78
N TYR A 450 -32.33 1.58 -23.82
CA TYR A 450 -31.16 2.41 -24.05
C TYR A 450 -31.32 3.18 -25.36
N PRO A 451 -31.92 4.38 -25.29
CA PRO A 451 -32.24 5.20 -26.47
C PRO A 451 -31.03 5.53 -27.34
N ARG A 452 -29.84 5.51 -26.75
CA ARG A 452 -28.61 5.90 -27.45
C ARG A 452 -27.84 4.68 -27.98
N VAL A 453 -28.53 3.54 -28.09
CA VAL A 453 -27.91 2.28 -28.51
C VAL A 453 -27.34 2.35 -29.94
N ASP A 454 -28.05 3.04 -30.84
CA ASP A 454 -27.59 3.23 -32.21
C ASP A 454 -26.30 4.06 -32.27
N GLU A 455 -26.23 5.05 -31.37
CA GLU A 455 -25.05 5.90 -31.21
C GLU A 455 -23.84 5.06 -30.79
N TRP A 456 -24.07 4.13 -29.86
CA TRP A 456 -23.02 3.24 -29.35
C TRP A 456 -22.58 2.24 -30.39
N ILE A 457 -23.54 1.62 -31.08
CA ILE A 457 -23.25 0.63 -32.11
C ILE A 457 -22.43 1.25 -33.25
N SER A 458 -22.77 2.47 -33.63
CA SER A 458 -22.03 3.22 -34.67
C SER A 458 -20.54 3.33 -34.34
N VAL A 459 -20.23 3.54 -33.07
CA VAL A 459 -18.84 3.61 -32.61
C VAL A 459 -18.19 2.23 -32.70
N ARG A 460 -18.88 1.22 -32.18
CA ARG A 460 -18.38 -0.16 -32.16
C ARG A 460 -18.19 -0.72 -33.59
N ARG A 461 -19.06 -0.32 -34.50
CA ARG A 461 -18.97 -0.71 -35.90
C ARG A 461 -17.77 -0.08 -36.59
N LYS A 462 -17.39 1.11 -36.14
CA LYS A 462 -16.28 1.86 -36.72
C LYS A 462 -14.94 1.34 -36.22
N VAL A 463 -14.88 0.98 -34.94
CA VAL A 463 -13.65 0.52 -34.31
C VAL A 463 -13.44 -0.99 -34.50
N ASP A 464 -14.53 -1.75 -34.57
CA ASP A 464 -14.45 -3.20 -34.75
C ASP A 464 -15.46 -3.68 -35.81
N PRO A 465 -15.20 -3.36 -37.09
CA PRO A 465 -16.06 -3.82 -38.20
C PRO A 465 -16.01 -5.33 -38.45
N LEU A 466 -14.85 -5.94 -38.25
CA LEU A 466 -14.70 -7.39 -38.46
C LEU A 466 -15.45 -8.24 -37.43
N ARG A 467 -15.92 -7.59 -36.37
CA ARG A 467 -16.52 -8.26 -35.21
C ARG A 467 -15.51 -9.18 -34.51
N VAL A 468 -14.31 -8.63 -34.26
CA VAL A 468 -13.25 -9.34 -33.57
C VAL A 468 -13.62 -9.55 -32.10
N PHE A 469 -14.26 -8.55 -31.49
CA PHE A 469 -14.67 -8.64 -30.10
C PHE A 469 -16.17 -8.96 -29.96
N ALA A 470 -16.45 -10.22 -29.62
CA ALA A 470 -17.82 -10.70 -29.50
C ALA A 470 -18.02 -11.49 -28.20
N SER A 471 -19.24 -11.44 -27.67
CA SER A 471 -19.61 -12.21 -26.48
C SER A 471 -21.03 -12.76 -26.59
N ASP A 472 -21.37 -13.72 -25.72
CA ASP A 472 -22.71 -14.29 -25.65
C ASP A 472 -23.80 -13.21 -25.53
N MET A 473 -23.54 -12.21 -24.69
CA MET A 473 -24.45 -11.08 -24.53
C MET A 473 -24.60 -10.28 -25.82
N ALA A 474 -23.47 -9.91 -26.41
CA ALA A 474 -23.46 -9.12 -27.64
C ALA A 474 -24.38 -9.72 -28.70
N ARG A 475 -24.27 -11.03 -28.89
CA ARG A 475 -25.11 -11.74 -29.85
C ARG A 475 -26.57 -11.75 -29.41
N ARG A 476 -26.79 -12.08 -28.13
CA ARG A 476 -28.13 -12.08 -27.53
C ARG A 476 -28.82 -10.73 -27.71
N LEU A 477 -28.14 -9.65 -27.31
CA LEU A 477 -28.73 -8.30 -27.36
C LEU A 477 -28.49 -7.58 -28.69
N GLU A 478 -27.92 -8.30 -29.67
CA GLU A 478 -27.67 -7.79 -31.02
C GLU A 478 -26.98 -6.41 -31.02
N LEU A 479 -25.83 -6.35 -30.36
CA LEU A 479 -25.04 -5.13 -30.24
C LEU A 479 -23.87 -5.09 -31.23
N LEU A 480 -23.60 -6.23 -31.88
CA LEU A 480 -22.52 -6.34 -32.85
C LEU A 480 -22.90 -5.64 -34.15
N THR B 27 5.92 25.35 21.04
CA THR B 27 7.07 24.44 21.35
C THR B 27 7.07 24.01 22.81
N THR B 28 7.52 22.79 23.08
CA THR B 28 7.64 22.28 24.45
C THR B 28 9.06 21.79 24.75
N ALA B 29 9.75 22.51 25.63
CA ALA B 29 11.07 22.13 26.10
C ALA B 29 10.97 20.80 26.84
N THR B 30 11.73 19.81 26.38
CA THR B 30 11.60 18.45 26.90
C THR B 30 12.93 17.83 27.31
N ARG B 31 12.87 16.86 28.21
CA ARG B 31 13.99 16.03 28.58
C ARG B 31 14.04 14.83 27.62
N LEU B 32 14.28 15.10 26.34
CA LEU B 32 14.41 14.05 25.32
C LEU B 32 15.71 13.28 25.53
N THR B 33 15.75 12.04 25.05
CA THR B 33 16.89 11.17 25.32
C THR B 33 17.21 10.26 24.14
N GLY B 34 18.44 9.77 24.10
CA GLY B 34 18.82 8.69 23.19
C GLY B 34 18.08 7.42 23.57
N TRP B 35 18.11 6.43 22.69
CA TRP B 35 17.37 5.19 22.91
C TRP B 35 17.77 4.47 24.18
N GLY B 36 18.97 4.76 24.67
CA GLY B 36 19.48 4.15 25.90
C GLY B 36 19.07 4.86 27.17
N ARG B 37 18.04 5.72 27.09
CA ARG B 37 17.53 6.49 28.23
C ARG B 37 18.64 6.98 29.16
N THR B 38 19.59 7.72 28.58
CA THR B 38 20.79 8.19 29.28
C THR B 38 21.23 9.60 28.87
N ALA B 39 21.75 10.36 29.85
CA ALA B 39 22.24 11.72 29.67
C ALA B 39 21.26 12.66 28.93
N PRO B 40 20.20 13.09 29.63
CA PRO B 40 19.18 13.93 29.01
C PRO B 40 19.59 15.40 28.95
N SER B 41 19.40 16.00 27.79
CA SER B 41 19.70 17.41 27.60
C SER B 41 18.44 18.14 27.13
N VAL B 42 17.92 19.01 27.98
CA VAL B 42 16.62 19.65 27.76
C VAL B 42 16.65 20.68 26.65
N ALA B 43 15.78 20.48 25.66
CA ALA B 43 15.73 21.33 24.47
C ALA B 43 14.30 21.64 24.07
N ASN B 44 14.10 22.82 23.47
CA ASN B 44 12.80 23.21 22.94
C ASN B 44 12.39 22.33 21.76
N VAL B 45 11.27 21.63 21.91
CA VAL B 45 10.81 20.65 20.92
C VAL B 45 9.67 21.19 20.05
N LEU B 46 9.85 21.07 18.73
CA LEU B 46 8.84 21.51 17.77
C LEU B 46 8.21 20.31 17.07
N ARG B 47 6.88 20.24 17.12
CA ARG B 47 6.12 19.20 16.45
C ARG B 47 5.09 19.80 15.49
N THR B 48 5.47 19.92 14.22
CA THR B 48 4.55 20.43 13.20
C THR B 48 4.63 19.61 11.90
N PRO B 49 3.46 19.29 11.32
CA PRO B 49 3.40 18.68 9.99
C PRO B 49 3.54 19.71 8.88
N ASP B 50 3.70 20.98 9.26
CA ASP B 50 3.81 22.08 8.32
C ASP B 50 5.28 22.35 7.97
N ALA B 51 5.61 22.13 6.70
CA ALA B 51 6.97 22.32 6.19
C ALA B 51 7.44 23.76 6.35
N GLU B 52 6.51 24.70 6.18
CA GLU B 52 6.80 26.12 6.35
C GLU B 52 7.06 26.52 7.79
N MET B 53 6.23 26.03 8.71
CA MET B 53 6.38 26.33 10.13
C MET B 53 7.75 25.89 10.66
N ILE B 54 8.31 24.87 10.01
CA ILE B 54 9.66 24.41 10.29
C ILE B 54 10.72 25.36 9.71
N VAL B 55 10.51 25.83 8.49
CA VAL B 55 11.44 26.74 7.82
C VAL B 55 11.65 28.04 8.61
N LYS B 56 10.58 28.53 9.23
CA LYS B 56 10.62 29.72 10.06
C LYS B 56 11.55 29.52 11.25
N ALA B 57 11.46 28.34 11.88
CA ALA B 57 12.27 27.99 13.04
C ALA B 57 13.77 27.98 12.71
N VAL B 58 14.09 27.58 11.48
CA VAL B 58 15.45 27.66 10.95
C VAL B 58 15.84 29.12 10.71
N ALA B 59 14.91 29.87 10.12
CA ALA B 59 15.12 31.30 9.88
C ALA B 59 15.25 32.07 11.19
N ARG B 60 14.46 31.70 12.20
CA ARG B 60 14.42 32.42 13.48
C ARG B 60 15.63 32.11 14.37
N VAL B 61 16.15 30.89 14.27
CA VAL B 61 17.32 30.48 15.05
C VAL B 61 18.58 31.18 14.54
N ALA B 62 18.68 31.30 13.22
CA ALA B 62 19.77 32.06 12.58
C ALA B 62 19.73 33.55 12.92
N GLU B 63 18.53 34.04 13.23
CA GLU B 63 18.32 35.44 13.62
C GLU B 63 18.76 35.71 15.06
N SER B 64 18.47 34.77 15.95
CA SER B 64 18.78 34.90 17.38
C SER B 64 20.27 34.83 17.69
N GLY B 65 21.07 34.52 16.67
CA GLY B 65 22.53 34.49 16.79
C GLY B 65 23.13 33.10 16.88
N GLY B 66 22.26 32.10 17.00
CA GLY B 66 22.69 30.71 17.16
C GLY B 66 23.45 30.49 18.46
N GLY B 67 23.13 31.30 19.47
CA GLY B 67 23.70 31.15 20.81
C GLY B 67 23.46 29.76 21.33
N ARG B 68 22.37 29.15 20.86
CA ARG B 68 22.13 27.72 21.02
C ARG B 68 21.71 27.07 19.71
N GLY B 69 21.92 25.76 19.61
CA GLY B 69 21.76 25.05 18.35
C GLY B 69 20.35 24.61 17.99
N ALA B 70 20.25 23.96 16.83
CA ALA B 70 18.99 23.39 16.35
C ALA B 70 19.25 22.09 15.60
N ILE B 71 18.76 20.97 16.13
CA ILE B 71 18.97 19.66 15.51
C ILE B 71 17.67 18.96 15.14
N ALA B 72 17.67 18.25 14.00
CA ALA B 72 16.53 17.43 13.60
C ALA B 72 16.43 16.17 14.48
N ARG B 73 15.24 15.59 14.56
CA ARG B 73 15.02 14.35 15.29
C ARG B 73 13.99 13.45 14.60
N GLY B 74 14.34 12.17 14.45
CA GLY B 74 13.41 11.17 13.95
C GLY B 74 12.68 10.50 15.09
N LEU B 75 12.74 9.17 15.15
CA LEU B 75 12.04 8.39 16.17
C LEU B 75 12.88 8.16 17.43
N GLY B 76 14.09 8.70 17.44
CA GLY B 76 14.98 8.64 18.59
C GLY B 76 15.42 7.23 18.94
N ARG B 77 15.81 6.47 17.93
CA ARG B 77 16.29 5.10 18.12
C ARG B 77 17.81 5.01 18.28
N SER B 78 18.48 6.15 18.25
CA SER B 78 19.92 6.22 18.48
C SER B 78 20.19 6.22 19.97
N TYR B 79 21.04 5.31 20.43
CA TYR B 79 21.41 5.20 21.84
C TYR B 79 22.24 6.40 22.32
N GLY B 80 22.76 7.17 21.36
CA GLY B 80 23.64 8.28 21.65
C GLY B 80 22.95 9.64 21.80
N ASP B 81 23.76 10.69 21.76
CA ASP B 81 23.29 12.06 21.99
C ASP B 81 23.21 12.90 20.71
N ASN B 82 23.17 12.23 19.56
CA ASN B 82 23.08 12.91 18.27
C ASN B 82 21.71 13.49 17.95
N ALA B 83 20.69 12.97 18.61
CA ALA B 83 19.31 13.40 18.40
C ALA B 83 18.87 14.50 19.38
N GLN B 84 19.77 14.89 20.28
CA GLN B 84 19.45 15.91 21.28
C GLN B 84 20.37 17.13 21.27
N ASN B 85 19.75 18.29 21.49
CA ASN B 85 20.43 19.57 21.52
C ASN B 85 20.09 20.32 22.81
N GLY B 86 20.60 19.80 23.93
CA GLY B 86 20.32 20.37 25.25
C GLY B 86 20.48 21.88 25.32
N GLY B 87 19.40 22.55 25.74
CA GLY B 87 19.33 24.00 25.71
C GLY B 87 19.47 24.47 24.28
N GLY B 88 18.51 24.12 23.43
CA GLY B 88 18.53 24.50 22.03
C GLY B 88 17.27 24.02 21.34
N LEU B 89 17.25 24.08 20.03
CA LEU B 89 16.08 23.62 19.29
C LEU B 89 16.26 22.19 18.79
N VAL B 90 15.24 21.37 19.00
CA VAL B 90 15.16 20.05 18.39
C VAL B 90 13.83 19.96 17.65
N ILE B 91 13.90 19.60 16.37
CA ILE B 91 12.71 19.51 15.54
C ILE B 91 12.33 18.05 15.32
N ASP B 92 11.21 17.64 15.93
CA ASP B 92 10.67 16.31 15.73
C ASP B 92 10.06 16.22 14.33
N MET B 93 10.63 15.34 13.51
CA MET B 93 10.27 15.25 12.09
C MET B 93 9.20 14.19 11.80
N THR B 94 8.75 13.50 12.83
CA THR B 94 7.76 12.41 12.68
C THR B 94 6.43 12.79 11.99
N PRO B 95 5.92 14.03 12.21
CA PRO B 95 4.63 14.36 11.57
C PRO B 95 4.70 14.60 10.06
N LEU B 96 5.89 14.83 9.51
CA LEU B 96 6.05 14.93 8.06
C LEU B 96 6.23 13.55 7.44
N ASN B 97 5.25 12.67 7.66
CA ASN B 97 5.32 11.27 7.25
C ASN B 97 4.54 10.97 5.98
N THR B 98 4.39 11.97 5.11
CA THR B 98 3.66 11.83 3.87
C THR B 98 4.46 11.02 2.85
N ILE B 99 3.81 10.04 2.23
CA ILE B 99 4.37 9.35 1.06
C ILE B 99 3.82 10.01 -0.19
N HIS B 100 4.72 10.62 -0.97
CA HIS B 100 4.29 11.34 -2.19
C HIS B 100 4.00 10.42 -3.33
N SER B 101 4.94 9.57 -3.69
CA SER B 101 4.75 8.65 -4.82
C SER B 101 5.62 7.40 -4.71
N ILE B 102 5.11 6.31 -5.27
CA ILE B 102 5.86 5.07 -5.45
C ILE B 102 5.66 4.61 -6.90
N ASP B 103 6.75 4.31 -7.58
CA ASP B 103 6.71 3.91 -8.98
C ASP B 103 7.44 2.59 -9.20
N ALA B 104 6.71 1.58 -9.66
CA ALA B 104 7.25 0.25 -9.88
C ALA B 104 8.16 0.14 -11.12
N ASP B 105 7.93 1.00 -12.11
CA ASP B 105 8.76 1.02 -13.33
C ASP B 105 10.13 1.63 -13.06
N THR B 106 10.14 2.81 -12.42
CA THR B 106 11.38 3.52 -12.11
C THR B 106 12.08 2.93 -10.88
N LYS B 107 11.30 2.23 -10.07
CA LYS B 107 11.76 1.67 -8.78
C LYS B 107 12.09 2.77 -7.77
N LEU B 108 11.54 3.96 -8.02
CA LEU B 108 11.76 5.15 -7.19
C LEU B 108 10.60 5.41 -6.24
N VAL B 109 10.92 5.77 -5.00
CA VAL B 109 9.91 6.26 -4.06
C VAL B 109 10.23 7.69 -3.65
N ASP B 110 9.21 8.53 -3.59
CA ASP B 110 9.36 9.90 -3.15
C ASP B 110 8.63 10.06 -1.81
N ILE B 111 9.41 10.29 -0.75
CA ILE B 111 8.88 10.39 0.61
C ILE B 111 9.49 11.55 1.40
N ASP B 112 8.68 12.13 2.27
CA ASP B 112 9.16 13.07 3.27
C ASP B 112 10.06 12.32 4.25
N ALA B 113 11.03 13.03 4.83
CA ALA B 113 12.03 12.42 5.71
C ALA B 113 11.48 11.92 7.05
N GLY B 114 10.20 12.20 7.31
CA GLY B 114 9.54 11.72 8.51
C GLY B 114 8.96 10.32 8.37
N VAL B 115 8.89 9.83 7.14
CA VAL B 115 8.40 8.48 6.86
C VAL B 115 9.31 7.42 7.49
N ASN B 116 8.72 6.58 8.33
CA ASN B 116 9.47 5.49 8.96
C ASN B 116 9.59 4.29 8.03
N LEU B 117 10.59 3.45 8.28
CA LEU B 117 10.89 2.33 7.37
C LEU B 117 9.85 1.22 7.37
N ASP B 118 9.20 0.99 8.52
CA ASP B 118 8.12 0.01 8.63
C ASP B 118 6.93 0.39 7.75
N GLN B 119 6.52 1.66 7.83
CA GLN B 119 5.41 2.16 7.01
C GLN B 119 5.77 2.24 5.52
N LEU B 120 7.04 2.52 5.21
CA LEU B 120 7.50 2.60 3.83
C LEU B 120 7.51 1.21 3.18
N MET B 121 7.78 0.20 4.01
CA MET B 121 7.82 -1.18 3.55
C MET B 121 6.43 -1.68 3.16
N LYS B 122 5.46 -1.44 4.05
CA LYS B 122 4.06 -1.84 3.83
C LYS B 122 3.53 -1.26 2.52
N ALA B 123 3.83 0.02 2.29
CA ALA B 123 3.35 0.74 1.12
C ALA B 123 4.01 0.27 -0.17
N ALA B 124 5.25 -0.20 -0.06
CA ALA B 124 6.05 -0.54 -1.23
C ALA B 124 5.81 -1.95 -1.77
N LEU B 125 5.42 -2.87 -0.88
CA LEU B 125 5.25 -4.28 -1.22
C LEU B 125 4.32 -4.57 -2.42
N PRO B 126 3.14 -3.91 -2.48
CA PRO B 126 2.23 -4.16 -3.60
C PRO B 126 2.80 -3.70 -4.96
N PHE B 127 3.90 -2.95 -4.93
CA PHE B 127 4.58 -2.52 -6.14
C PHE B 127 5.68 -3.49 -6.53
N GLY B 128 5.91 -4.48 -5.68
CA GLY B 128 7.00 -5.43 -5.86
C GLY B 128 8.34 -4.78 -5.55
N LEU B 129 8.32 -3.85 -4.60
CA LEU B 129 9.51 -3.12 -4.20
C LEU B 129 9.90 -3.38 -2.75
N TRP B 130 11.20 -3.37 -2.49
CA TRP B 130 11.76 -3.71 -1.19
C TRP B 130 12.72 -2.66 -0.73
N VAL B 131 12.66 -2.30 0.56
CA VAL B 131 13.56 -1.30 1.14
C VAL B 131 14.98 -1.86 1.14
N PRO B 132 15.88 -1.26 0.34
CA PRO B 132 17.21 -1.81 0.03
C PRO B 132 18.08 -2.06 1.25
N VAL B 133 17.93 -1.25 2.29
CA VAL B 133 18.67 -1.45 3.55
C VAL B 133 17.71 -1.33 4.73
N LEU B 134 17.68 -2.37 5.55
CA LEU B 134 16.83 -2.41 6.74
C LEU B 134 17.68 -2.72 7.97
N PRO B 135 17.57 -1.90 9.02
CA PRO B 135 18.37 -2.16 10.22
C PRO B 135 17.69 -3.16 11.15
N GLY B 136 18.30 -3.38 12.33
CA GLY B 136 17.78 -4.34 13.31
C GLY B 136 16.36 -4.05 13.78
N THR B 137 16.04 -2.75 13.88
CA THR B 137 14.66 -2.32 14.15
C THR B 137 14.12 -1.62 12.92
N ARG B 138 12.80 -1.59 12.80
CA ARG B 138 12.13 -1.04 11.64
C ARG B 138 11.59 0.36 11.93
N GLN B 139 11.56 0.71 13.22
CA GLN B 139 11.02 1.99 13.67
C GLN B 139 12.07 3.10 13.58
N VAL B 140 12.50 3.40 12.36
CA VAL B 140 13.44 4.49 12.10
C VAL B 140 12.99 5.31 10.89
N THR B 141 13.17 6.63 10.96
CA THR B 141 12.73 7.54 9.89
C THR B 141 13.72 7.54 8.74
N VAL B 142 13.22 7.86 7.54
CA VAL B 142 14.06 8.03 6.35
C VAL B 142 15.23 8.96 6.65
N GLY B 143 14.93 10.10 7.29
CA GLY B 143 15.95 11.05 7.75
C GLY B 143 17.01 10.42 8.63
N GLY B 144 16.57 9.77 9.70
CA GLY B 144 17.48 9.03 10.60
C GLY B 144 18.30 7.98 9.87
N ALA B 145 17.64 7.26 8.95
CA ALA B 145 18.31 6.27 8.10
C ALA B 145 19.45 6.86 7.29
N ILE B 146 19.28 8.11 6.85
CA ILE B 146 20.31 8.81 6.07
C ILE B 146 21.38 9.41 6.96
N ALA B 147 20.94 10.01 8.07
CA ALA B 147 21.86 10.74 8.95
C ALA B 147 22.85 9.85 9.70
N CYS B 148 22.55 8.57 9.85
CA CYS B 148 23.47 7.62 10.44
C CYS B 148 24.05 6.68 9.38
N ASP B 149 23.64 6.92 8.12
CA ASP B 149 23.99 6.07 7.00
C ASP B 149 23.90 4.59 7.42
N ILE B 150 22.70 4.17 7.80
CA ILE B 150 22.48 2.88 8.43
C ILE B 150 22.86 1.69 7.55
N HIS B 151 23.21 0.60 8.21
CA HIS B 151 23.64 -0.63 7.57
C HIS B 151 22.77 -1.76 8.04
N GLY B 152 22.74 -2.83 7.27
CA GLY B 152 21.97 -4.00 7.64
C GLY B 152 22.65 -5.33 7.37
N LYS B 153 21.83 -6.37 7.33
CA LYS B 153 22.25 -7.74 7.06
C LYS B 153 22.92 -7.90 5.69
N ASN B 154 22.69 -6.93 4.81
CA ASN B 154 23.10 -7.05 3.41
C ASN B 154 24.16 -6.05 2.97
N HIS B 155 24.94 -5.53 3.91
CA HIS B 155 25.94 -4.50 3.58
C HIS B 155 26.92 -4.98 2.54
N HIS B 156 27.36 -6.22 2.65
CA HIS B 156 28.35 -6.79 1.73
C HIS B 156 27.85 -6.90 0.30
N SER B 157 26.54 -6.89 0.12
CA SER B 157 25.94 -6.99 -1.22
C SER B 157 25.24 -5.71 -1.68
N ALA B 158 24.80 -4.88 -0.73
CA ALA B 158 24.01 -3.69 -1.05
C ALA B 158 24.68 -2.37 -0.63
N GLY B 159 25.48 -2.43 0.42
CA GLY B 159 26.12 -1.24 0.95
C GLY B 159 25.29 -0.55 2.02
N SER B 160 25.51 0.74 2.18
CA SER B 160 24.84 1.54 3.20
C SER B 160 23.57 2.17 2.64
N PHE B 161 22.69 2.62 3.52
CA PHE B 161 21.44 3.28 3.10
C PHE B 161 21.69 4.42 2.11
N GLY B 162 22.80 5.12 2.30
CA GLY B 162 23.18 6.26 1.46
C GLY B 162 23.42 5.89 0.00
N ASN B 163 23.83 4.65 -0.23
CA ASN B 163 24.10 4.16 -1.59
C ASN B 163 22.83 4.10 -2.46
N HIS B 164 21.68 4.34 -1.84
CA HIS B 164 20.39 4.17 -2.51
C HIS B 164 19.56 5.43 -2.57
N VAL B 165 20.02 6.48 -1.91
CA VAL B 165 19.37 7.79 -2.01
C VAL B 165 19.72 8.39 -3.37
N ARG B 166 18.71 8.57 -4.21
CA ARG B 166 18.90 9.10 -5.56
C ARG B 166 18.75 10.62 -5.61
N SER B 167 18.18 11.18 -4.55
CA SER B 167 17.90 12.61 -4.45
C SER B 167 17.39 12.93 -3.05
N MET B 168 17.72 14.11 -2.55
CA MET B 168 17.15 14.61 -1.30
C MET B 168 17.10 16.14 -1.24
N ASP B 169 16.00 16.65 -0.71
CA ASP B 169 15.79 18.08 -0.55
C ASP B 169 16.23 18.53 0.85
N LEU B 170 17.33 19.26 0.89
CA LEU B 170 17.92 19.70 2.16
C LEU B 170 17.59 21.15 2.47
N LEU B 171 17.08 21.39 3.67
CA LEU B 171 16.88 22.74 4.18
C LEU B 171 18.13 23.16 4.94
N THR B 172 18.91 24.07 4.35
CA THR B 172 20.19 24.51 4.91
C THR B 172 20.01 25.59 5.98
N ALA B 173 21.13 26.16 6.41
CA ALA B 173 21.12 27.23 7.41
C ALA B 173 20.63 28.57 6.87
N ASP B 174 20.91 28.84 5.60
CA ASP B 174 20.55 30.11 4.97
C ASP B 174 19.05 30.24 4.64
N GLY B 175 18.33 29.13 4.72
CA GLY B 175 16.90 29.12 4.46
C GLY B 175 16.51 28.49 3.13
N GLU B 176 17.48 28.39 2.22
CA GLU B 176 17.26 27.78 0.91
C GLU B 176 17.13 26.26 1.02
N ILE B 177 16.25 25.69 0.21
CA ILE B 177 16.09 24.24 0.12
C ILE B 177 16.81 23.76 -1.13
N ARG B 178 17.82 22.91 -0.95
CA ARG B 178 18.68 22.47 -2.05
C ARG B 178 18.45 21.03 -2.48
N HIS B 179 18.45 20.82 -3.78
CA HIS B 179 18.23 19.51 -4.37
C HIS B 179 19.54 18.80 -4.54
N LEU B 180 19.80 17.87 -3.63
CA LEU B 180 21.07 17.14 -3.61
C LEU B 180 20.98 15.84 -4.42
N THR B 181 22.10 15.49 -5.05
CA THR B 181 22.20 14.27 -5.87
C THR B 181 23.56 13.59 -5.64
N PRO B 182 23.62 12.25 -5.83
CA PRO B 182 24.86 11.52 -5.59
C PRO B 182 25.99 11.93 -6.52
N THR B 183 25.69 12.09 -7.81
CA THR B 183 26.70 12.42 -8.82
C THR B 183 26.43 13.76 -9.50
N GLY B 184 25.66 14.63 -8.84
CA GLY B 184 25.37 15.95 -9.38
C GLY B 184 26.46 16.96 -9.08
N GLU B 185 26.15 18.23 -9.31
CA GLU B 185 27.08 19.33 -9.04
C GLU B 185 27.27 19.59 -7.54
N ASP B 186 26.23 19.30 -6.76
CA ASP B 186 26.26 19.52 -5.31
C ASP B 186 26.48 18.19 -4.57
N ALA B 187 27.36 17.35 -5.13
CA ALA B 187 27.64 16.01 -4.59
C ALA B 187 28.40 16.04 -3.27
N GLU B 188 29.22 17.07 -3.08
CA GLU B 188 30.03 17.22 -1.86
C GLU B 188 29.14 17.37 -0.62
N LEU B 189 28.09 18.17 -0.74
CA LEU B 189 27.13 18.38 0.36
C LEU B 189 26.22 17.16 0.55
N PHE B 190 25.92 16.49 -0.56
CA PHE B 190 25.14 15.25 -0.56
C PHE B 190 25.78 14.24 0.39
N TRP B 191 27.03 13.86 0.10
CA TRP B 191 27.74 12.85 0.86
C TRP B 191 28.16 13.32 2.23
N ALA B 192 28.11 14.64 2.44
CA ALA B 192 28.32 15.21 3.77
C ALA B 192 27.07 15.06 4.63
N THR B 193 25.91 15.02 3.97
CA THR B 193 24.63 14.82 4.63
C THR B 193 24.46 13.35 5.00
N VAL B 194 24.88 12.48 4.09
CA VAL B 194 24.90 11.02 4.32
C VAL B 194 25.83 10.72 5.49
N GLY B 195 25.26 10.22 6.58
CA GLY B 195 26.01 9.93 7.79
C GLY B 195 26.53 11.16 8.48
N GLY B 196 25.92 12.31 8.18
CA GLY B 196 26.33 13.59 8.76
C GLY B 196 25.65 13.91 10.08
N ASN B 197 24.98 12.92 10.65
CA ASN B 197 24.26 13.06 11.93
C ASN B 197 23.33 14.29 12.07
N GLY B 198 22.72 14.68 10.95
CA GLY B 198 21.80 15.82 10.90
C GLY B 198 22.45 17.17 11.09
N LEU B 199 23.77 17.24 10.90
CA LEU B 199 24.53 18.46 11.15
C LEU B 199 24.74 19.31 9.90
N THR B 200 24.35 18.79 8.74
CA THR B 200 24.33 19.58 7.50
C THR B 200 23.02 20.33 7.36
N GLY B 201 22.10 20.08 8.29
CA GLY B 201 20.78 20.70 8.27
C GLY B 201 19.67 19.67 8.44
N ILE B 202 18.51 19.98 7.88
CA ILE B 202 17.37 19.09 7.94
C ILE B 202 16.99 18.58 6.56
N ILE B 203 17.00 17.25 6.41
CA ILE B 203 16.47 16.61 5.20
C ILE B 203 14.96 16.70 5.28
N MET B 204 14.34 17.17 4.19
CA MET B 204 12.91 17.41 4.15
C MET B 204 12.18 16.33 3.36
N ARG B 205 12.79 15.92 2.26
CA ARG B 205 12.16 15.04 1.28
C ARG B 205 13.26 14.33 0.53
N ALA B 206 13.12 13.01 0.37
CA ALA B 206 14.13 12.21 -0.32
C ALA B 206 13.50 11.30 -1.37
N THR B 207 14.37 10.80 -2.25
CA THR B 207 13.96 9.84 -3.27
C THR B 207 14.93 8.66 -3.23
N ILE B 208 14.37 7.48 -3.02
CA ILE B 208 15.15 6.28 -2.77
C ILE B 208 14.88 5.25 -3.86
N GLU B 209 15.94 4.63 -4.38
CA GLU B 209 15.78 3.51 -5.29
C GLU B 209 15.57 2.24 -4.48
N MET B 210 14.49 1.55 -4.80
CA MET B 210 14.13 0.32 -4.10
C MET B 210 14.67 -0.89 -4.84
N THR B 211 14.79 -2.00 -4.13
CA THR B 211 15.23 -3.25 -4.74
C THR B 211 14.01 -4.00 -5.28
N PRO B 212 13.99 -4.29 -6.59
CA PRO B 212 12.89 -5.05 -7.19
C PRO B 212 12.77 -6.42 -6.54
N THR B 213 11.55 -6.78 -6.13
CA THR B 213 11.30 -8.07 -5.51
C THR B 213 10.08 -8.77 -6.10
N SER B 214 10.17 -10.09 -6.19
CA SER B 214 9.09 -10.93 -6.66
C SER B 214 8.16 -11.32 -5.51
N THR B 215 8.74 -11.55 -4.33
CA THR B 215 7.99 -11.98 -3.16
C THR B 215 8.34 -11.18 -1.91
N ALA B 216 7.61 -11.42 -0.83
CA ALA B 216 7.91 -10.83 0.47
C ALA B 216 8.57 -11.87 1.38
N TYR B 217 9.25 -12.84 0.76
CA TYR B 217 9.83 -13.97 1.48
C TYR B 217 11.32 -14.15 1.26
N PHE B 218 11.97 -14.82 2.22
CA PHE B 218 13.39 -15.12 2.15
C PHE B 218 13.63 -16.61 1.96
N ILE B 219 14.70 -16.93 1.23
CA ILE B 219 15.27 -18.28 1.24
C ILE B 219 16.51 -18.22 2.13
N ALA B 220 16.52 -19.05 3.17
CA ALA B 220 17.54 -18.96 4.21
C ALA B 220 18.38 -20.22 4.37
N ASP B 221 19.69 -20.03 4.42
CA ASP B 221 20.66 -21.09 4.68
C ASP B 221 21.27 -20.91 6.07
N GLY B 222 21.21 -21.97 6.88
CA GLY B 222 21.69 -21.93 8.25
C GLY B 222 22.91 -22.81 8.47
N ASP B 223 23.86 -22.30 9.26
CA ASP B 223 25.08 -23.02 9.60
C ASP B 223 25.50 -22.68 11.02
N VAL B 224 25.95 -23.70 11.76
CA VAL B 224 26.50 -23.50 13.10
C VAL B 224 27.97 -23.88 13.14
N THR B 225 28.79 -22.98 13.69
CA THR B 225 30.22 -23.22 13.84
C THR B 225 30.55 -23.61 15.29
N ALA B 226 31.75 -24.16 15.51
CA ALA B 226 32.16 -24.63 16.84
C ALA B 226 33.18 -23.72 17.54
N SER B 227 33.88 -22.89 16.76
CA SER B 227 34.89 -21.98 17.29
C SER B 227 34.83 -20.60 16.61
N LEU B 228 35.67 -19.69 17.07
CA LEU B 228 35.84 -18.39 16.40
C LEU B 228 36.59 -18.58 15.08
N ASP B 229 37.53 -19.52 15.08
CA ASP B 229 38.30 -19.86 13.88
C ASP B 229 37.40 -20.42 12.78
N GLU B 230 36.43 -21.22 13.18
CA GLU B 230 35.46 -21.80 12.24
C GLU B 230 34.56 -20.72 11.66
N THR B 231 34.22 -19.73 12.50
CA THR B 231 33.39 -18.59 12.11
C THR B 231 34.11 -17.69 11.10
N ILE B 232 35.37 -17.37 11.37
CA ILE B 232 36.16 -16.52 10.49
C ILE B 232 36.42 -17.22 9.16
N ALA B 233 36.68 -18.53 9.23
CA ALA B 233 36.92 -19.35 8.04
C ALA B 233 35.70 -19.33 7.11
N LEU B 234 34.52 -19.51 7.69
CA LEU B 234 33.26 -19.55 6.92
C LEU B 234 32.95 -18.24 6.19
N HIS B 235 33.39 -17.12 6.75
CA HIS B 235 33.13 -15.80 6.17
C HIS B 235 34.16 -15.38 5.16
N SER B 236 35.23 -16.14 5.06
CA SER B 236 36.35 -15.80 4.19
C SER B 236 36.62 -16.82 3.09
N ASP B 237 35.93 -17.96 3.15
CA ASP B 237 36.11 -19.03 2.18
C ASP B 237 35.45 -18.76 0.81
N GLY B 238 34.61 -17.73 0.75
CA GLY B 238 33.94 -17.34 -0.49
C GLY B 238 32.43 -17.52 -0.52
N SER B 239 31.90 -18.17 0.51
CA SER B 239 30.46 -18.45 0.62
C SER B 239 29.60 -17.17 0.62
N GLU B 240 30.17 -16.09 1.15
CA GLU B 240 29.47 -14.80 1.26
C GLU B 240 28.97 -14.24 -0.08
N ALA B 241 29.55 -14.70 -1.18
CA ALA B 241 29.13 -14.29 -2.52
C ALA B 241 27.81 -14.97 -2.92
N ARG B 242 27.59 -16.17 -2.40
CA ARG B 242 26.34 -16.92 -2.63
C ARG B 242 25.11 -16.25 -2.02
N TYR B 243 25.34 -15.33 -1.08
CA TYR B 243 24.25 -14.74 -0.33
C TYR B 243 24.24 -13.22 -0.40
N THR B 244 23.04 -12.64 -0.41
CA THR B 244 22.89 -11.20 -0.34
C THR B 244 22.74 -10.73 1.11
N TYR B 245 22.20 -11.61 1.97
CA TYR B 245 21.96 -11.28 3.38
C TYR B 245 22.73 -12.25 4.29
N SER B 246 23.54 -11.71 5.19
CA SER B 246 24.39 -12.53 6.07
C SER B 246 24.62 -11.91 7.44
N SER B 247 24.54 -12.74 8.48
CA SER B 247 24.89 -12.36 9.86
C SER B 247 24.84 -13.58 10.78
N ALA B 248 25.40 -13.44 11.98
CA ALA B 248 25.48 -14.57 12.90
C ALA B 248 25.39 -14.16 14.36
N TRP B 249 24.67 -14.96 15.14
CA TRP B 249 24.66 -14.84 16.59
C TRP B 249 25.83 -15.61 17.14
N PHE B 250 26.77 -14.92 17.77
CA PHE B 250 27.97 -15.60 18.27
C PHE B 250 28.12 -15.60 19.79
N ASP B 251 28.94 -16.52 20.29
CA ASP B 251 29.18 -16.70 21.72
C ASP B 251 30.38 -15.86 22.16
N ALA B 252 30.18 -15.13 23.26
CA ALA B 252 31.23 -14.28 23.84
C ALA B 252 31.51 -14.64 25.30
N ILE B 253 30.67 -15.48 25.89
CA ILE B 253 30.79 -15.87 27.30
C ILE B 253 31.77 -17.04 27.48
N SER B 254 31.60 -18.08 26.68
CA SER B 254 32.37 -19.32 26.81
C SER B 254 33.86 -19.15 26.51
N ALA B 255 34.67 -19.88 27.26
CA ALA B 255 36.13 -19.85 27.10
C ALA B 255 36.56 -20.51 25.79
N PRO B 256 37.73 -20.13 25.25
CA PRO B 256 38.29 -20.83 24.08
C PRO B 256 38.44 -22.33 24.34
N PRO B 257 38.29 -23.16 23.28
CA PRO B 257 38.03 -22.79 21.89
C PRO B 257 36.55 -22.56 21.56
N LYS B 258 35.67 -22.67 22.56
CA LYS B 258 34.24 -22.45 22.37
C LYS B 258 33.87 -20.98 22.20
N LEU B 259 34.83 -20.08 22.43
CA LEU B 259 34.63 -18.65 22.21
C LEU B 259 34.52 -18.37 20.71
N GLY B 260 33.46 -17.68 20.33
CA GLY B 260 33.25 -17.27 18.95
C GLY B 260 32.45 -18.23 18.10
N ARG B 261 31.91 -19.29 18.71
CA ARG B 261 31.03 -20.23 18.00
C ARG B 261 29.73 -19.51 17.61
N ALA B 262 29.36 -19.62 16.34
CA ALA B 262 28.31 -18.78 15.77
C ALA B 262 27.14 -19.56 15.19
N ALA B 263 25.97 -18.92 15.22
CA ALA B 263 24.78 -19.43 14.56
C ALA B 263 24.51 -18.57 13.32
N VAL B 264 25.20 -18.91 12.23
CA VAL B 264 25.15 -18.13 10.99
C VAL B 264 23.85 -18.36 10.23
N SER B 265 23.20 -17.26 9.86
CA SER B 265 21.99 -17.29 9.04
C SER B 265 22.20 -16.43 7.79
N ARG B 266 22.10 -17.06 6.62
CA ARG B 266 22.34 -16.35 5.35
C ARG B 266 21.28 -16.67 4.31
N GLY B 267 21.10 -15.77 3.35
CA GLY B 267 20.15 -16.01 2.27
C GLY B 267 19.89 -14.83 1.35
N ARG B 268 18.79 -14.93 0.60
CA ARG B 268 18.38 -13.89 -0.34
C ARG B 268 16.85 -13.79 -0.44
N LEU B 269 16.37 -12.77 -1.14
CA LEU B 269 14.94 -12.62 -1.41
C LEU B 269 14.50 -13.72 -2.36
N ALA B 270 13.40 -14.38 -2.01
CA ALA B 270 12.85 -15.48 -2.80
C ALA B 270 12.09 -14.98 -4.02
N THR B 271 11.96 -15.84 -5.02
CA THR B 271 11.15 -15.56 -6.21
C THR B 271 9.89 -16.44 -6.15
N VAL B 272 8.91 -16.13 -7.00
CA VAL B 272 7.59 -16.79 -6.97
C VAL B 272 7.63 -18.33 -7.02
N GLU B 273 8.41 -18.89 -7.94
CA GLU B 273 8.52 -20.34 -8.10
C GLU B 273 9.21 -21.02 -6.91
N GLN B 274 10.01 -20.27 -6.17
CA GLN B 274 10.71 -20.79 -5.00
C GLN B 274 9.78 -20.96 -3.80
N LEU B 275 8.62 -20.32 -3.87
CA LEU B 275 7.60 -20.45 -2.84
C LEU B 275 6.78 -21.72 -3.03
N PRO B 276 6.30 -22.31 -1.92
CA PRO B 276 5.32 -23.39 -1.99
C PRO B 276 4.05 -22.96 -2.72
N ALA B 277 3.37 -23.92 -3.34
CA ALA B 277 2.25 -23.65 -4.26
C ALA B 277 1.13 -22.80 -3.69
N LYS B 278 0.76 -23.07 -2.43
CA LYS B 278 -0.34 -22.36 -1.78
C LYS B 278 0.03 -20.96 -1.28
N LEU B 279 1.30 -20.58 -1.43
CA LEU B 279 1.76 -19.23 -1.12
C LEU B 279 1.96 -18.38 -2.38
N ARG B 280 1.83 -19.01 -3.55
CA ARG B 280 1.90 -18.31 -4.84
C ARG B 280 0.71 -17.38 -5.09
N SER B 281 -0.37 -17.60 -4.35
CA SER B 281 -1.58 -16.79 -4.45
C SER B 281 -1.28 -15.30 -4.25
N GLU B 282 -0.78 -14.95 -3.07
CA GLU B 282 -0.31 -13.60 -2.79
C GLU B 282 1.12 -13.65 -2.27
N PRO B 283 2.11 -13.62 -3.19
CA PRO B 283 3.52 -13.74 -2.83
C PRO B 283 4.07 -12.50 -2.11
N LEU B 284 3.40 -11.36 -2.28
CA LEU B 284 3.85 -10.09 -1.71
C LEU B 284 3.02 -9.66 -0.49
N LYS B 285 2.66 -10.61 0.37
CA LYS B 285 1.84 -10.31 1.54
C LYS B 285 2.61 -10.51 2.85
N PHE B 286 2.28 -9.71 3.85
CA PHE B 286 2.96 -9.75 5.14
C PHE B 286 1.99 -9.85 6.32
N ASP B 287 2.49 -10.38 7.44
CA ASP B 287 1.73 -10.47 8.68
C ASP B 287 2.52 -9.89 9.86
N GLY B 312 21.33 -31.19 24.72
CA GLY B 312 21.53 -29.75 24.87
C GLY B 312 22.04 -29.12 23.59
N GLU B 313 23.30 -29.39 23.27
CA GLU B 313 23.95 -28.85 22.08
C GLU B 313 23.38 -29.46 20.81
N LEU B 314 22.94 -30.72 20.90
CA LEU B 314 22.31 -31.43 19.79
C LEU B 314 20.97 -30.83 19.36
N TRP B 315 20.14 -30.44 20.33
CA TRP B 315 18.88 -29.77 20.05
C TRP B 315 19.15 -28.39 19.51
N TYR B 316 20.25 -27.78 19.96
CA TYR B 316 20.62 -26.44 19.55
C TYR B 316 21.22 -26.41 18.13
N ARG B 317 22.19 -27.29 17.87
CA ARG B 317 22.85 -27.37 16.55
C ARG B 317 21.87 -27.76 15.44
N LYS B 318 20.96 -28.67 15.76
CA LYS B 318 19.96 -29.13 14.79
C LYS B 318 19.10 -27.95 14.33
N SER B 319 18.75 -27.08 15.26
CA SER B 319 17.93 -25.90 15.00
C SER B 319 18.60 -24.88 14.06
N GLY B 320 19.93 -24.83 14.09
CA GLY B 320 20.67 -23.82 13.35
C GLY B 320 21.23 -24.25 12.00
N THR B 321 20.99 -25.50 11.63
CA THR B 321 21.48 -26.04 10.35
C THR B 321 20.30 -26.34 9.41
N TYR B 322 20.28 -25.67 8.26
CA TYR B 322 19.20 -25.82 7.28
C TYR B 322 19.57 -25.28 5.90
N ARG B 323 18.97 -25.88 4.87
CA ARG B 323 19.16 -25.44 3.49
C ARG B 323 17.86 -24.95 2.88
N GLY B 324 17.93 -23.84 2.16
CA GLY B 324 16.77 -23.25 1.47
C GLY B 324 15.49 -23.19 2.28
N LYS B 325 15.57 -22.69 3.52
CA LYS B 325 14.40 -22.52 4.36
C LYS B 325 13.66 -21.23 3.99
N VAL B 326 12.37 -21.36 3.65
CA VAL B 326 11.54 -20.23 3.28
C VAL B 326 10.97 -19.55 4.53
N GLN B 327 11.19 -18.24 4.63
CA GLN B 327 10.77 -17.47 5.81
C GLN B 327 10.16 -16.13 5.44
N ASN B 328 9.21 -15.70 6.26
CA ASN B 328 8.62 -14.36 6.17
C ASN B 328 9.64 -13.35 6.68
N LEU B 329 9.36 -12.07 6.49
CA LEU B 329 10.27 -11.02 6.98
C LEU B 329 10.38 -11.03 8.51
N THR B 330 9.26 -11.31 9.19
CA THR B 330 9.24 -11.45 10.65
C THR B 330 10.23 -12.52 11.11
N GLN B 331 10.14 -13.69 10.48
CA GLN B 331 10.90 -14.86 10.88
C GLN B 331 12.41 -14.72 10.64
N PHE B 332 12.79 -14.19 9.47
CA PHE B 332 14.19 -14.08 9.07
C PHE B 332 14.96 -12.98 9.79
N TYR B 333 14.33 -11.80 9.91
CA TYR B 333 15.02 -10.58 10.29
C TYR B 333 14.57 -9.99 11.62
N HIS B 334 13.27 -9.90 11.83
CA HIS B 334 12.70 -9.16 12.97
C HIS B 334 11.86 -9.99 13.91
N PRO B 335 12.50 -10.83 14.75
CA PRO B 335 11.72 -11.51 15.79
C PRO B 335 11.42 -10.57 16.96
N GLY B 350 19.99 0.24 31.80
CA GLY B 350 20.29 -1.09 32.33
C GLY B 350 21.26 -1.89 31.47
N PHE B 351 21.36 -1.53 30.19
CA PHE B 351 22.23 -2.22 29.25
C PHE B 351 23.06 -1.24 28.42
N LEU B 352 24.37 -1.52 28.35
CA LEU B 352 25.28 -0.74 27.51
C LEU B 352 25.49 -1.48 26.19
N GLN B 353 24.91 -0.93 25.14
CA GLN B 353 25.01 -1.54 23.83
CA GLN B 353 24.98 -1.48 23.78
C GLN B 353 26.30 -1.09 23.13
N TYR B 354 27.13 -2.07 22.74
CA TYR B 354 28.45 -1.76 22.19
C TYR B 354 28.68 -2.28 20.78
N GLN B 355 29.23 -1.45 19.90
CA GLN B 355 29.47 -1.83 18.51
C GLN B 355 30.76 -1.24 17.94
N PHE B 356 31.50 -2.07 17.20
CA PHE B 356 32.73 -1.65 16.51
C PHE B 356 32.97 -2.50 15.26
N VAL B 357 33.91 -2.04 14.43
CA VAL B 357 34.32 -2.79 13.24
C VAL B 357 35.86 -2.77 13.13
N ILE B 358 36.44 -3.92 12.77
CA ILE B 358 37.88 -4.03 12.60
C ILE B 358 38.17 -4.42 11.14
N PRO B 359 39.06 -3.67 10.45
CA PRO B 359 39.36 -3.92 9.03
C PRO B 359 39.64 -5.39 8.75
N THR B 360 39.24 -5.86 7.57
CA THR B 360 39.29 -7.28 7.21
C THR B 360 40.65 -7.91 7.48
N GLU B 361 41.69 -7.28 6.94
CA GLU B 361 43.07 -7.80 7.01
C GLU B 361 43.59 -7.98 8.45
N ALA B 362 43.02 -7.23 9.38
CA ALA B 362 43.43 -7.27 10.79
C ALA B 362 42.61 -8.29 11.59
N VAL B 363 42.68 -9.55 11.16
CA VAL B 363 41.89 -10.63 11.77
C VAL B 363 42.42 -11.08 13.15
N ASP B 364 43.74 -11.22 13.26
CA ASP B 364 44.37 -11.68 14.51
C ASP B 364 44.08 -10.74 15.69
N GLU B 365 44.13 -9.44 15.43
CA GLU B 365 43.82 -8.42 16.42
C GLU B 365 42.33 -8.38 16.74
N PHE B 366 41.50 -8.74 15.76
CA PHE B 366 40.08 -8.97 16.00
C PHE B 366 39.91 -10.16 16.93
N LYS B 367 40.70 -11.20 16.72
CA LYS B 367 40.69 -12.39 17.57
C LYS B 367 41.14 -12.06 19.00
N LYS B 368 42.19 -11.23 19.12
CA LYS B 368 42.65 -10.71 20.40
C LYS B 368 41.50 -10.05 21.16
N ILE B 369 40.77 -9.19 20.45
CA ILE B 369 39.74 -8.34 21.05
C ILE B 369 38.53 -9.10 21.59
N ILE B 370 38.15 -10.20 20.94
CA ILE B 370 37.04 -11.03 21.40
C ILE B 370 37.47 -11.79 22.65
N GLY B 371 38.72 -12.26 22.63
CA GLY B 371 39.35 -12.92 23.78
C GLY B 371 39.32 -12.04 25.02
N VAL B 372 39.68 -10.76 24.83
CA VAL B 372 39.65 -9.76 25.90
C VAL B 372 38.23 -9.59 26.46
N ILE B 373 37.25 -9.39 25.57
CA ILE B 373 35.86 -9.22 25.96
C ILE B 373 35.41 -10.43 26.79
N GLN B 374 35.74 -11.63 26.32
CA GLN B 374 35.41 -12.86 27.02
C GLN B 374 36.06 -12.93 28.40
N ALA B 375 37.36 -12.61 28.44
CA ALA B 375 38.14 -12.67 29.67
C ALA B 375 37.72 -11.60 30.69
N SER B 376 37.31 -10.44 30.18
CA SER B 376 36.98 -9.27 31.01
C SER B 376 36.10 -9.59 32.22
N GLY B 377 35.12 -10.46 32.02
CA GLY B 377 34.15 -10.79 33.06
C GLY B 377 32.83 -10.07 32.86
N HIS B 378 32.76 -9.25 31.81
CA HIS B 378 31.52 -8.59 31.40
C HIS B 378 30.83 -9.41 30.35
N TYR B 379 29.80 -10.13 30.76
CA TYR B 379 29.12 -11.10 29.89
C TYR B 379 28.01 -10.48 29.06
N SER B 380 28.17 -10.53 27.74
CA SER B 380 27.14 -10.07 26.81
C SER B 380 26.49 -11.26 26.12
N PHE B 381 25.15 -11.28 26.13
CA PHE B 381 24.39 -12.41 25.59
C PHE B 381 23.91 -12.20 24.15
N LEU B 382 23.51 -10.97 23.84
CA LEU B 382 22.95 -10.64 22.51
C LEU B 382 24.05 -10.13 21.59
N ASN B 383 24.69 -11.05 20.86
CA ASN B 383 25.86 -10.70 20.06
C ASN B 383 25.68 -10.96 18.57
N VAL B 384 25.76 -9.90 17.77
CA VAL B 384 25.65 -10.02 16.31
C VAL B 384 27.01 -9.89 15.64
N PHE B 385 27.29 -10.83 14.74
CA PHE B 385 28.54 -10.89 13.99
C PHE B 385 28.25 -10.64 12.51
N LYS B 386 29.06 -9.82 11.85
CA LYS B 386 28.94 -9.60 10.42
C LYS B 386 30.22 -9.14 9.75
N LEU B 387 30.45 -9.59 8.51
CA LEU B 387 31.52 -9.07 7.69
C LEU B 387 30.94 -8.01 6.75
N PHE B 388 31.36 -6.76 6.95
CA PHE B 388 30.95 -5.67 6.06
C PHE B 388 31.64 -5.77 4.70
N GLY B 389 31.04 -5.11 3.71
CA GLY B 389 31.65 -4.96 2.39
C GLY B 389 32.24 -3.57 2.25
N PRO B 390 32.32 -3.07 1.04
CA PRO B 390 32.94 -1.78 0.77
C PRO B 390 32.17 -0.56 1.25
N ARG B 391 32.91 0.49 1.55
CA ARG B 391 32.34 1.76 1.97
C ARG B 391 31.90 2.66 0.83
N ASN B 392 31.16 3.72 1.17
CA ASN B 392 30.77 4.71 0.19
C ASN B 392 31.60 5.95 0.20
N GLN B 393 31.05 7.03 -0.32
CA GLN B 393 31.75 8.29 -0.34
C GLN B 393 31.52 9.19 0.86
N ALA B 394 30.56 8.89 1.69
CA ALA B 394 30.32 9.73 2.82
C ALA B 394 31.56 9.67 3.66
N PRO B 395 32.09 10.78 4.09
CA PRO B 395 33.28 10.78 4.94
C PRO B 395 33.01 10.21 6.32
N LEU B 396 31.85 10.49 6.83
CA LEU B 396 31.52 10.11 8.20
C LEU B 396 30.71 8.80 8.25
N SER B 397 30.72 8.07 7.13
CA SER B 397 30.06 6.78 7.03
C SER B 397 30.75 5.74 7.90
N PHE B 398 29.98 5.11 8.79
CA PHE B 398 30.52 4.13 9.74
C PHE B 398 31.11 2.86 9.11
N PRO B 399 30.38 2.19 8.18
CA PRO B 399 30.89 0.91 7.70
C PRO B 399 32.12 1.00 6.78
N ILE B 400 33.13 0.21 7.09
CA ILE B 400 34.28 -0.07 6.22
C ILE B 400 34.38 -1.59 6.06
N PRO B 401 35.12 -2.08 5.03
CA PRO B 401 35.28 -3.52 4.90
C PRO B 401 35.90 -4.15 6.15
N GLY B 402 35.25 -5.15 6.71
CA GLY B 402 35.78 -5.82 7.89
C GLY B 402 34.78 -6.40 8.86
N TRP B 403 35.27 -6.71 10.06
CA TRP B 403 34.54 -7.50 11.05
C TRP B 403 33.74 -6.65 11.99
N ASN B 404 32.43 -6.59 11.73
CA ASN B 404 31.50 -5.85 12.57
C ASN B 404 31.01 -6.68 13.76
N ILE B 405 31.09 -6.10 14.96
CA ILE B 405 30.65 -6.75 16.19
C ILE B 405 29.62 -5.89 16.92
N CYS B 406 28.56 -6.55 17.39
CA CYS B 406 27.60 -5.92 18.29
C CYS B 406 27.56 -6.68 19.57
N VAL B 407 27.80 -5.99 20.68
CA VAL B 407 27.67 -6.58 21.99
C VAL B 407 26.77 -5.72 22.86
N ASP B 408 26.21 -6.31 23.91
CA ASP B 408 25.32 -5.59 24.82
C ASP B 408 25.66 -5.93 26.27
N PHE B 409 26.52 -5.12 26.86
CA PHE B 409 26.97 -5.34 28.23
C PHE B 409 25.93 -4.85 29.23
N PRO B 410 25.65 -5.65 30.27
CA PRO B 410 24.81 -5.19 31.37
C PRO B 410 25.60 -4.21 32.23
N ILE B 411 24.95 -3.09 32.59
CA ILE B 411 25.60 -2.04 33.38
C ILE B 411 25.93 -2.53 34.79
N LYS B 412 27.23 -2.69 35.05
CA LYS B 412 27.72 -3.05 36.39
C LYS B 412 29.06 -2.38 36.67
N ASP B 413 29.58 -2.58 37.89
CA ASP B 413 30.83 -1.97 38.34
C ASP B 413 32.03 -2.23 37.44
N GLY B 414 32.67 -1.15 37.00
CA GLY B 414 33.90 -1.23 36.20
C GLY B 414 33.69 -1.26 34.70
N LEU B 415 32.45 -1.43 34.27
CA LEU B 415 32.12 -1.49 32.85
C LEU B 415 32.63 -0.27 32.09
N GLY B 416 32.51 0.90 32.73
CA GLY B 416 32.99 2.16 32.18
C GLY B 416 34.48 2.19 31.86
N LYS B 417 35.28 1.63 32.76
CA LYS B 417 36.74 1.58 32.54
C LYS B 417 37.07 0.61 31.42
N PHE B 418 36.36 -0.51 31.38
CA PHE B 418 36.59 -1.57 30.39
C PHE B 418 36.30 -1.12 28.95
N VAL B 419 35.21 -0.39 28.76
CA VAL B 419 34.87 0.13 27.43
C VAL B 419 35.87 1.18 26.95
N SER B 420 36.40 1.97 27.87
CA SER B 420 37.47 2.93 27.57
C SER B 420 38.69 2.18 27.07
N GLU B 421 39.00 1.06 27.72
CA GLU B 421 40.08 0.16 27.31
C GLU B 421 39.79 -0.47 25.95
N LEU B 422 38.52 -0.83 25.72
CA LEU B 422 38.10 -1.39 24.44
C LEU B 422 38.21 -0.39 23.30
N ASP B 423 37.76 0.84 23.55
CA ASP B 423 37.85 1.93 22.58
C ASP B 423 39.27 2.08 22.06
N ARG B 424 40.22 2.04 22.99
CA ARG B 424 41.65 2.20 22.71
C ARG B 424 42.15 1.10 21.79
N ARG B 425 41.66 -0.13 22.03
CA ARG B 425 42.00 -1.29 21.21
C ARG B 425 41.42 -1.22 19.79
N VAL B 426 40.18 -0.76 19.68
CA VAL B 426 39.54 -0.56 18.37
C VAL B 426 40.32 0.48 17.56
N LEU B 427 40.69 1.57 18.24
CA LEU B 427 41.42 2.68 17.65
C LEU B 427 42.75 2.26 17.04
N GLU B 428 43.52 1.49 17.82
CA GLU B 428 44.86 1.07 17.43
C GLU B 428 44.88 0.09 16.28
N PHE B 429 43.87 -0.78 16.21
CA PHE B 429 43.80 -1.81 15.17
C PHE B 429 43.25 -1.28 13.84
N GLY B 430 42.85 -0.02 13.83
CA GLY B 430 42.39 0.65 12.61
C GLY B 430 40.87 0.73 12.50
N GLY B 431 40.18 0.29 13.55
CA GLY B 431 38.73 0.24 13.55
C GLY B 431 38.07 1.52 14.04
N ARG B 432 36.75 1.58 13.92
CA ARG B 432 35.97 2.73 14.37
C ARG B 432 34.72 2.32 15.15
N LEU B 433 34.03 3.32 15.71
CA LEU B 433 32.77 3.12 16.42
C LEU B 433 31.64 3.89 15.73
N TYR B 434 30.41 3.50 16.05
CA TYR B 434 29.21 4.01 15.38
C TYR B 434 28.57 5.14 16.18
N THR B 435 28.33 6.27 15.53
CA THR B 435 27.75 7.45 16.18
C THR B 435 26.36 7.20 16.74
N ALA B 436 25.59 6.31 16.09
CA ALA B 436 24.23 5.99 16.52
C ALA B 436 24.18 5.19 17.82
N LYS B 437 25.31 4.58 18.19
CA LYS B 437 25.37 3.76 19.40
C LYS B 437 26.29 4.37 20.45
N ASP B 438 26.98 5.45 20.09
CA ASP B 438 28.00 6.05 20.95
C ASP B 438 27.45 7.12 21.89
N SER B 439 27.80 7.00 23.16
CA SER B 439 27.33 7.90 24.22
C SER B 439 28.47 8.43 25.10
N ARG B 440 29.69 7.95 24.86
CA ARG B 440 30.81 8.22 25.78
C ARG B 440 32.06 8.77 25.12
N THR B 441 32.37 8.30 23.91
CA THR B 441 33.69 8.50 23.31
C THR B 441 34.10 9.98 23.16
N THR B 442 35.40 10.21 23.31
CA THR B 442 36.00 11.55 23.23
C THR B 442 36.14 12.04 21.79
N ALA B 443 36.37 13.34 21.64
CA ALA B 443 36.58 13.97 20.33
C ALA B 443 37.84 13.43 19.68
N GLU B 444 38.89 13.28 20.47
CA GLU B 444 40.20 12.81 19.98
C GLU B 444 40.06 11.42 19.35
N THR B 445 39.50 10.50 20.14
CA THR B 445 39.24 9.12 19.71
C THR B 445 38.45 9.09 18.41
N PHE B 446 37.36 9.86 18.36
CA PHE B 446 36.54 9.94 17.16
C PHE B 446 37.32 10.45 15.96
N HIS B 447 38.00 11.57 16.14
CA HIS B 447 38.76 12.20 15.05
C HIS B 447 39.83 11.30 14.49
N ALA B 448 40.42 10.50 15.36
CA ALA B 448 41.41 9.51 14.96
C ALA B 448 40.79 8.35 14.20
N MET B 449 39.57 7.97 14.57
CA MET B 449 38.83 6.89 13.91
C MET B 449 38.33 7.24 12.51
N TYR B 450 37.96 8.50 12.30
CA TYR B 450 37.47 8.95 11.01
C TYR B 450 38.46 9.89 10.34
N PRO B 451 39.31 9.35 9.45
CA PRO B 451 40.35 10.14 8.78
C PRO B 451 39.80 11.36 8.04
N ARG B 452 38.62 11.21 7.43
CA ARG B 452 38.07 12.22 6.55
C ARG B 452 37.25 13.31 7.27
N VAL B 453 37.32 13.30 8.60
CA VAL B 453 36.58 14.26 9.44
C VAL B 453 36.87 15.72 9.07
N ASP B 454 38.14 16.07 8.92
CA ASP B 454 38.54 17.45 8.63
C ASP B 454 38.19 17.89 7.21
N GLU B 455 38.06 16.94 6.28
CA GLU B 455 37.55 17.26 4.95
C GLU B 455 36.02 17.42 5.01
N TRP B 456 35.41 16.82 6.03
CA TRP B 456 33.97 16.93 6.25
C TRP B 456 33.62 18.23 6.91
N ILE B 457 34.42 18.65 7.89
CA ILE B 457 34.18 19.92 8.60
C ILE B 457 34.34 21.11 7.66
N SER B 458 35.19 20.95 6.64
CA SER B 458 35.33 21.93 5.57
C SER B 458 33.99 22.15 4.85
N VAL B 459 33.24 21.07 4.66
CA VAL B 459 31.92 21.14 4.04
C VAL B 459 30.86 21.61 5.05
N ARG B 460 30.96 21.15 6.29
CA ARG B 460 30.00 21.49 7.35
C ARG B 460 30.02 22.98 7.70
N ARG B 461 31.22 23.55 7.80
CA ARG B 461 31.37 24.97 8.13
C ARG B 461 30.95 25.90 7.00
N LYS B 462 31.18 25.45 5.76
CA LYS B 462 30.84 26.24 4.58
C LYS B 462 29.36 26.59 4.51
N VAL B 463 28.49 25.58 4.64
CA VAL B 463 27.05 25.76 4.49
C VAL B 463 26.32 25.99 5.83
N ASP B 464 27.07 25.93 6.93
CA ASP B 464 26.56 26.35 8.23
C ASP B 464 27.64 27.11 9.01
N PRO B 465 27.90 28.37 8.61
CA PRO B 465 28.91 29.20 9.28
C PRO B 465 28.54 29.62 10.71
N LEU B 466 27.25 29.82 10.97
CA LEU B 466 26.79 30.32 12.27
C LEU B 466 26.59 29.26 13.35
N ARG B 467 26.82 27.99 13.00
CA ARG B 467 26.51 26.86 13.86
C ARG B 467 25.02 26.83 14.23
N VAL B 468 24.19 27.01 13.20
CA VAL B 468 22.72 26.98 13.35
C VAL B 468 22.26 25.61 13.82
N PHE B 469 22.86 24.58 13.24
CA PHE B 469 22.56 23.20 13.61
C PHE B 469 23.64 22.63 14.53
N ALA B 470 23.26 22.34 15.76
CA ALA B 470 24.18 21.76 16.74
C ALA B 470 23.50 20.62 17.47
N SER B 471 24.30 19.87 18.23
CA SER B 471 23.79 18.79 19.07
C SER B 471 24.82 18.49 20.16
N ASP B 472 24.40 17.82 21.23
CA ASP B 472 25.30 17.40 22.28
C ASP B 472 26.51 16.67 21.70
N MET B 473 26.25 15.77 20.75
CA MET B 473 27.29 15.04 20.05
C MET B 473 28.26 15.98 19.33
N ALA B 474 27.71 16.87 18.50
CA ALA B 474 28.52 17.80 17.71
C ALA B 474 29.51 18.55 18.56
N ARG B 475 29.05 18.98 19.74
CA ARG B 475 29.88 19.67 20.71
C ARG B 475 30.91 18.72 21.31
N ARG B 476 30.42 17.58 21.84
CA ARG B 476 31.27 16.56 22.45
C ARG B 476 32.40 16.12 21.53
N LEU B 477 32.08 15.84 20.28
CA LEU B 477 33.05 15.34 19.32
C LEU B 477 33.70 16.47 18.51
N GLU B 478 33.37 17.70 18.87
CA GLU B 478 34.00 18.91 18.31
C GLU B 478 33.87 18.95 16.78
N LEU B 479 32.67 18.69 16.29
CA LEU B 479 32.42 18.60 14.85
C LEU B 479 31.89 19.91 14.26
N LEU B 480 31.53 20.86 15.12
CA LEU B 480 31.05 22.16 14.68
C LEU B 480 32.18 22.97 14.05
#